data_8Q3C
#
_entry.id   8Q3C
#
_cell.length_a   72.290
_cell.length_b   129.660
_cell.length_c   133.410
_cell.angle_alpha   90.00
_cell.angle_beta   90.00
_cell.angle_gamma   90.00
#
_symmetry.space_group_name_H-M   'P 21 21 21'
#
loop_
_entity.id
_entity.type
_entity.pdbx_description
1 polymer 'L-lactate dehydrogenase'
2 polymer 'L-lactate dehydrogenase'
3 non-polymer 'PHOSPHATE ION'
4 non-polymer 'NITRATE ION'
5 non-polymer 'CHLORIDE ION'
6 water water
#
loop_
_entity_poly.entity_id
_entity_poly.type
_entity_poly.pdbx_seq_one_letter_code
_entity_poly.pdbx_strand_id
1 'polypeptide(L)'
;MNNRRKIVVIGASNVGSAVANKIADFQLATEVVLIDLNEDKAWGEAKDSSHATSCIYSTNIKFHLGDYEDCKDANIIVIT
AGPSRRPGETPDRLKLAGTNAKIMSSVMGEIVKRTKEAMIIMITNPLDVATYVVSTQFDYPRNLILGTGTMLETYRFRRI
LADKYQVDPKNINGYVLGEHGNAAFVAWSTTGCAGFPIDDLDEYFHRTEKLSHEAVEQELVQVAYDVINKKGFTNTGIAM
AACRFIKSVLYDEHTILPCSAVLEGEYGIKDVALSIPRMVCADGIMRSFEVHLTDDELEKMHKAAQSVRSALDGAGIK
;
H,N,a
2 'polypeptide(L)'
;MNNRRKIVVIGASNVGSAVANKIADFQLATEVVLIDLNEDKAWGEAKDSSHATS(CSD)IYSTNIKFHLGDYEDCKDANI
IVITAGPSRRPGETPDRLKLAGTNAKIMSSVMGEIVKRTKEAMIIMITNPLDVATYVVSTQFDYPRNLILGTGTMLETYR
FRRILADKYQVDPKNINGYVLGEHGNAAFVAWSTTGCAGFPIDDLDEYFHRTEKLSHEAVEQELVQVAYDVINKKGFTNT
GIAMAACRFIKSVLYDEHTILPCSAVLEGEYGIKDVALSIPRMV(OCS)ADGIMRSFEVHLTDDELEKMHKAAQSVRSAL
DGAGIK
;
U
#
# COMPACT_ATOMS: atom_id res chain seq x y z
N ASN A 2 7.46 18.68 -13.94
CA ASN A 2 8.20 18.02 -12.87
C ASN A 2 7.49 16.76 -12.38
N ASN A 3 8.21 15.65 -12.41
CA ASN A 3 7.70 14.36 -11.97
C ASN A 3 8.06 14.05 -10.52
N ARG A 4 8.43 15.07 -9.74
CA ARG A 4 8.80 14.88 -8.34
C ARG A 4 7.77 15.56 -7.44
N ARG A 5 7.67 15.05 -6.22
CA ARG A 5 6.76 15.59 -5.20
C ARG A 5 7.53 15.71 -3.90
N LYS A 6 7.87 16.93 -3.53
CA LYS A 6 8.67 17.21 -2.34
C LYS A 6 7.74 17.63 -1.19
N ILE A 7 7.95 17.05 -0.02
CA ILE A 7 7.17 17.36 1.18
C ILE A 7 8.14 17.80 2.28
N VAL A 8 7.97 19.04 2.75
CA VAL A 8 8.75 19.57 3.86
C VAL A 8 7.95 19.38 5.14
N VAL A 9 8.63 19.04 6.24
CA VAL A 9 7.98 18.81 7.53
C VAL A 9 8.73 19.60 8.60
N ILE A 10 8.15 20.72 9.02
CA ILE A 10 8.75 21.50 10.11
C ILE A 10 8.57 20.72 11.41
N GLY A 11 9.54 20.85 12.31
CA GLY A 11 9.48 20.10 13.55
C GLY A 11 9.97 18.67 13.35
N ALA A 12 11.02 18.29 14.07
CA ALA A 12 11.60 16.96 13.98
C ALA A 12 11.41 16.19 15.28
N SER A 13 10.41 16.57 16.08
CA SER A 13 10.15 15.96 17.37
C SER A 13 9.31 14.70 17.17
N ASN A 14 8.64 14.24 18.23
CA ASN A 14 7.87 13.00 18.15
C ASN A 14 6.87 13.06 17.00
N VAL A 15 6.05 14.12 16.95
CA VAL A 15 4.98 14.19 15.94
C VAL A 15 5.57 14.51 14.57
N GLY A 16 6.73 15.15 14.51
CA GLY A 16 7.28 15.56 13.23
C GLY A 16 8.02 14.43 12.55
N SER A 17 8.60 13.52 13.33
CA SER A 17 9.32 12.38 12.79
C SER A 17 8.36 11.26 12.43
N ALA A 18 7.21 11.21 13.11
CA ALA A 18 6.20 10.19 12.82
C ALA A 18 5.57 10.45 11.46
N VAL A 19 5.11 11.69 11.22
CA VAL A 19 4.47 12.01 9.94
C VAL A 19 5.48 11.86 8.82
N ALA A 20 6.77 12.04 9.13
CA ALA A 20 7.81 11.93 8.11
C ALA A 20 8.02 10.47 7.73
N ASN A 21 8.03 9.57 8.71
CA ASN A 21 8.29 8.16 8.44
C ASN A 21 7.06 7.50 7.85
N LYS A 22 5.87 7.95 8.24
CA LYS A 22 4.65 7.46 7.62
C LYS A 22 4.57 7.91 6.17
N ILE A 23 5.07 9.11 5.86
CA ILE A 23 5.14 9.55 4.47
C ILE A 23 6.10 8.67 3.67
N ALA A 24 7.17 8.19 4.31
CA ALA A 24 8.11 7.32 3.62
C ALA A 24 7.56 5.90 3.50
N ASP A 25 6.92 5.39 4.56
CA ASP A 25 6.35 4.05 4.49
C ASP A 25 5.30 3.97 3.39
N PHE A 26 4.40 4.96 3.34
CA PHE A 26 3.37 5.01 2.30
C PHE A 26 3.90 5.54 0.97
N GLN A 27 5.12 6.09 0.95
CA GLN A 27 5.73 6.61 -0.27
C GLN A 27 4.86 7.71 -0.89
N LEU A 28 4.76 8.81 -0.13
CA LEU A 28 3.93 9.95 -0.52
C LEU A 28 4.78 11.16 -0.86
N ALA A 29 6.05 10.95 -1.20
CA ALA A 29 6.92 12.05 -1.51
C ALA A 29 8.20 11.54 -2.16
N THR A 30 8.71 12.30 -3.11
CA THR A 30 9.98 11.98 -3.76
C THR A 30 11.16 12.46 -2.92
N GLU A 31 10.96 13.50 -2.12
CA GLU A 31 12.00 14.07 -1.29
C GLU A 31 11.36 14.63 -0.03
N VAL A 32 11.81 14.15 1.13
CA VAL A 32 11.31 14.61 2.41
C VAL A 32 12.40 15.45 3.08
N VAL A 33 12.05 16.66 3.50
CA VAL A 33 12.99 17.59 4.13
C VAL A 33 12.57 17.79 5.58
N LEU A 34 13.52 17.65 6.49
CA LEU A 34 13.27 17.84 7.92
C LEU A 34 13.85 19.18 8.35
N ILE A 35 13.01 20.03 8.95
CA ILE A 35 13.42 21.35 9.42
C ILE A 35 13.01 21.49 10.88
N ASP A 36 13.94 21.96 11.71
CA ASP A 36 13.68 22.14 13.12
C ASP A 36 14.79 22.98 13.72
N LEU A 37 14.45 23.74 14.76
CA LEU A 37 15.45 24.56 15.45
C LEU A 37 16.61 23.71 15.93
N ASN A 38 16.31 22.50 16.42
CA ASN A 38 17.35 21.55 16.82
C ASN A 38 17.80 20.80 15.56
N GLU A 39 18.62 21.49 14.76
CA GLU A 39 19.06 20.92 13.48
C GLU A 39 19.73 19.56 13.66
N ASP A 40 20.35 19.33 14.82
CA ASP A 40 20.94 18.02 15.07
C ASP A 40 19.87 16.94 15.08
N LYS A 41 18.74 17.20 15.74
CA LYS A 41 17.65 16.21 15.75
C LYS A 41 17.07 16.02 14.35
N ALA A 42 16.92 17.12 13.60
CA ALA A 42 16.38 17.00 12.25
C ALA A 42 17.31 16.21 11.34
N TRP A 43 18.62 16.42 11.48
CA TRP A 43 19.57 15.67 10.65
C TRP A 43 19.60 14.20 11.04
N GLY A 44 19.63 13.91 12.35
CA GLY A 44 19.66 12.52 12.78
C GLY A 44 18.45 11.75 12.32
N GLU A 45 17.26 12.33 12.46
CA GLU A 45 16.04 11.65 12.00
C GLU A 45 16.04 11.51 10.49
N ALA A 46 16.58 12.51 9.78
CA ALA A 46 16.63 12.43 8.32
C ALA A 46 17.63 11.37 7.87
N LYS A 47 18.82 11.35 8.47
CA LYS A 47 19.81 10.35 8.09
C LYS A 47 19.32 8.94 8.40
N ASP A 48 18.74 8.75 9.59
CA ASP A 48 18.20 7.44 9.93
C ASP A 48 17.08 7.04 8.97
N SER A 49 16.27 8.01 8.54
CA SER A 49 15.23 7.71 7.57
C SER A 49 15.82 7.34 6.21
N SER A 50 16.88 8.03 5.81
CA SER A 50 17.54 7.69 4.55
C SER A 50 18.02 6.25 4.55
N HIS A 51 18.44 5.73 5.72
CA HIS A 51 18.82 4.33 5.80
C HIS A 51 17.63 3.41 5.60
N ALA A 52 16.46 3.79 6.10
CA ALA A 52 15.26 2.98 5.90
C ALA A 52 14.86 2.97 4.44
N THR A 53 14.85 4.13 3.79
CA THR A 53 14.50 4.20 2.38
C THR A 53 15.43 3.36 1.51
N SER A 54 16.64 3.09 1.98
CA SER A 54 17.57 2.26 1.22
C SER A 54 17.15 0.80 1.18
N CYS A 55 16.12 0.43 1.93
CA CYS A 55 15.63 -0.95 1.90
C CYS A 55 15.21 -1.34 0.48
N ILE A 56 15.05 -2.64 0.28
CA ILE A 56 14.69 -3.13 -1.05
C ILE A 56 13.24 -2.88 -1.38
N TYR A 57 12.38 -2.69 -0.37
CA TYR A 57 10.96 -2.46 -0.60
C TYR A 57 10.59 -0.98 -0.56
N SER A 58 11.48 -0.11 -0.10
CA SER A 58 11.20 1.31 0.01
C SER A 58 11.84 2.04 -1.17
N THR A 59 11.10 3.01 -1.72
CA THR A 59 11.62 3.81 -2.81
C THR A 59 12.76 4.70 -2.30
N ASN A 60 13.62 5.13 -3.23
CA ASN A 60 14.75 5.98 -2.88
C ASN A 60 14.27 7.39 -2.56
N ILE A 61 13.61 7.56 -1.42
CA ILE A 61 13.15 8.87 -1.01
C ILE A 61 14.32 9.65 -0.43
N LYS A 62 14.42 10.93 -0.79
CA LYS A 62 15.56 11.77 -0.41
C LYS A 62 15.25 12.39 0.95
N PHE A 63 15.85 11.85 1.99
CA PHE A 63 15.74 12.37 3.35
C PHE A 63 17.04 13.09 3.71
N HIS A 64 16.92 14.34 4.15
CA HIS A 64 18.10 15.13 4.46
C HIS A 64 17.68 16.34 5.29
N LEU A 65 18.66 16.94 5.94
CA LEU A 65 18.44 18.15 6.72
C LEU A 65 18.49 19.35 5.79
N GLY A 66 17.36 20.07 5.67
CA GLY A 66 17.28 21.23 4.82
C GLY A 66 16.81 22.45 5.60
N ASP A 67 16.89 23.59 4.95
CA ASP A 67 16.43 24.86 5.50
C ASP A 67 15.12 25.27 4.85
N TYR A 68 14.64 26.45 5.22
CA TYR A 68 13.39 26.95 4.66
C TYR A 68 13.48 27.13 3.15
N GLU A 69 14.69 27.26 2.60
CA GLU A 69 14.82 27.38 1.16
C GLU A 69 14.21 26.19 0.44
N ASP A 70 14.22 25.02 1.07
CA ASP A 70 13.63 23.84 0.45
C ASP A 70 12.12 24.00 0.28
N CYS A 71 11.48 24.84 1.09
CA CYS A 71 10.06 25.09 0.97
C CYS A 71 9.72 25.84 -0.31
N LYS A 72 10.71 26.38 -1.02
CA LYS A 72 10.42 27.12 -2.23
C LYS A 72 9.68 26.27 -3.25
N ASP A 73 10.18 25.07 -3.53
CA ASP A 73 9.58 24.15 -4.49
C ASP A 73 9.03 22.92 -3.79
N ALA A 74 8.40 23.12 -2.63
CA ALA A 74 7.81 22.02 -1.88
C ALA A 74 6.33 21.88 -2.22
N ASN A 75 5.88 20.62 -2.29
CA ASN A 75 4.47 20.38 -2.58
C ASN A 75 3.62 20.49 -1.33
N ILE A 76 4.14 20.04 -0.18
CA ILE A 76 3.42 20.10 1.08
C ILE A 76 4.40 20.51 2.18
N ILE A 77 3.90 21.28 3.13
CA ILE A 77 4.67 21.77 4.27
C ILE A 77 3.89 21.39 5.52
N VAL A 78 4.32 20.35 6.21
CA VAL A 78 3.66 19.85 7.42
C VAL A 78 4.37 20.47 8.62
N ILE A 79 3.71 21.41 9.29
CA ILE A 79 4.29 22.09 10.44
C ILE A 79 3.86 21.37 11.70
N THR A 80 4.83 20.82 12.44
CA THR A 80 4.57 20.14 13.69
C THR A 80 5.41 20.65 14.86
N ALA A 81 6.23 21.68 14.66
CA ALA A 81 7.06 22.20 15.74
C ALA A 81 6.21 22.78 16.86
N GLY A 82 6.11 22.06 17.97
CA GLY A 82 5.30 22.48 19.10
C GLY A 82 6.13 22.93 20.27
N PRO A 83 5.50 23.13 21.43
CA PRO A 83 6.21 23.56 22.64
C PRO A 83 6.84 22.40 23.41
N LYS A 95 -1.66 30.33 28.01
CA LYS A 95 -0.22 30.37 27.86
C LYS A 95 0.20 29.50 26.69
N LEU A 96 -0.39 28.31 26.61
CA LEU A 96 -0.08 27.38 25.52
C LEU A 96 -0.41 28.00 24.17
N ALA A 97 -1.51 28.75 24.09
CA ALA A 97 -1.88 29.36 22.81
C ALA A 97 -0.92 30.47 22.43
N GLY A 98 -0.47 31.27 23.41
CA GLY A 98 0.45 32.35 23.08
C GLY A 98 1.82 31.85 22.64
N THR A 99 2.34 30.83 23.31
CA THR A 99 3.64 30.28 22.94
C THR A 99 3.61 29.73 21.52
N ASN A 100 2.64 28.87 21.22
CA ASN A 100 2.53 28.31 19.88
C ASN A 100 2.25 29.39 18.84
N ALA A 101 1.48 30.42 19.21
CA ALA A 101 1.22 31.50 18.27
C ALA A 101 2.50 32.18 17.83
N LYS A 102 3.48 32.31 18.74
CA LYS A 102 4.76 32.90 18.37
C LYS A 102 5.57 31.94 17.50
N ILE A 103 5.47 30.64 17.77
CA ILE A 103 6.18 29.65 16.96
C ILE A 103 5.62 29.60 15.56
N MET A 104 4.29 29.60 15.43
CA MET A 104 3.67 29.56 14.12
C MET A 104 3.96 30.83 13.33
N SER A 105 4.13 31.96 14.02
CA SER A 105 4.42 33.22 13.34
C SER A 105 5.83 33.23 12.76
N SER A 106 6.77 32.54 13.40
CA SER A 106 8.14 32.49 12.91
C SER A 106 8.27 31.53 11.73
N VAL A 107 7.76 30.31 11.87
CA VAL A 107 7.84 29.34 10.79
C VAL A 107 7.10 29.84 9.56
N MET A 108 5.89 30.37 9.75
CA MET A 108 5.09 30.84 8.61
C MET A 108 5.72 32.07 7.97
N GLY A 109 6.31 32.95 8.77
CA GLY A 109 6.98 34.12 8.22
C GLY A 109 8.10 33.75 7.27
N GLU A 110 8.74 32.61 7.50
CA GLU A 110 9.82 32.16 6.61
C GLU A 110 9.27 31.42 5.40
N ILE A 111 8.11 30.77 5.52
CA ILE A 111 7.53 30.04 4.40
C ILE A 111 6.97 31.00 3.37
N VAL A 112 6.26 32.03 3.82
CA VAL A 112 5.67 32.99 2.89
C VAL A 112 6.73 33.71 2.09
N LYS A 113 7.90 33.92 2.69
CA LYS A 113 8.99 34.63 2.02
C LYS A 113 9.73 33.76 1.01
N ARG A 114 9.29 32.52 0.78
CA ARG A 114 9.97 31.65 -0.15
C ARG A 114 9.00 30.92 -1.08
N THR A 115 7.78 30.66 -0.58
CA THR A 115 6.79 29.94 -1.36
C THR A 115 5.40 30.43 -0.98
N LYS A 116 4.47 30.29 -1.93
CA LYS A 116 3.07 30.63 -1.66
C LYS A 116 2.11 29.68 -2.39
N GLU A 117 2.61 28.54 -2.88
CA GLU A 117 1.80 27.59 -3.61
C GLU A 117 1.80 26.20 -2.98
N ALA A 118 2.57 25.98 -1.91
CA ALA A 118 2.61 24.67 -1.28
C ALA A 118 1.43 24.49 -0.33
N MET A 119 1.16 23.22 0.00
CA MET A 119 0.06 22.87 0.90
C MET A 119 0.57 22.87 2.33
N ILE A 120 -0.15 23.56 3.21
CA ILE A 120 0.21 23.68 4.62
C ILE A 120 -0.70 22.74 5.40
N ILE A 121 -0.09 21.77 6.09
CA ILE A 121 -0.81 20.80 6.91
C ILE A 121 -0.47 21.13 8.36
N MET A 122 -1.41 21.73 9.08
CA MET A 122 -1.20 22.09 10.48
C MET A 122 -1.36 20.86 11.36
N ILE A 123 -0.42 20.66 12.27
CA ILE A 123 -0.48 19.55 13.21
C ILE A 123 -0.12 20.02 14.62
N THR A 124 0.70 21.06 14.70
CA THR A 124 1.10 21.59 16.00
C THR A 124 -0.12 21.97 16.83
N ASN A 125 -0.01 21.76 18.16
CA ASN A 125 -1.11 22.07 19.07
C ASN A 125 -0.85 23.39 19.80
N PRO A 126 -1.89 24.19 20.09
CA PRO A 126 -3.31 23.99 19.76
C PRO A 126 -3.55 24.05 18.26
N LEU A 127 -4.23 23.03 17.71
CA LEU A 127 -4.40 22.93 16.26
C LEU A 127 -5.21 24.10 15.72
N ASP A 128 -6.34 24.39 16.36
CA ASP A 128 -7.21 25.46 15.90
C ASP A 128 -6.50 26.82 15.96
N VAL A 129 -5.71 27.04 17.01
CA VAL A 129 -4.98 28.30 17.14
C VAL A 129 -3.90 28.39 16.07
N ALA A 130 -3.12 27.32 15.91
CA ALA A 130 -2.06 27.34 14.92
C ALA A 130 -2.61 27.57 13.51
N THR A 131 -3.71 26.88 13.17
CA THR A 131 -4.31 27.07 11.86
C THR A 131 -4.85 28.48 11.69
N TYR A 132 -5.31 29.10 12.78
CA TYR A 132 -5.83 30.45 12.70
C TYR A 132 -4.73 31.49 12.61
N VAL A 133 -3.57 31.22 13.21
CA VAL A 133 -2.47 32.19 13.18
C VAL A 133 -1.88 32.29 11.78
N VAL A 134 -1.48 31.16 11.21
CA VAL A 134 -0.83 31.16 9.90
C VAL A 134 -1.80 31.51 8.78
N SER A 135 -3.09 31.48 9.04
CA SER A 135 -4.10 31.71 8.01
C SER A 135 -4.56 33.16 7.93
N THR A 136 -4.55 33.89 9.05
CA THR A 136 -5.02 35.27 9.10
C THR A 136 -3.91 36.30 9.20
N GLN A 137 -2.77 35.94 9.79
CA GLN A 137 -1.68 36.90 9.97
C GLN A 137 -0.83 37.06 8.71
N PHE A 138 -0.89 36.13 7.77
CA PHE A 138 -0.08 36.17 6.57
C PHE A 138 -0.96 36.13 5.34
N ASP A 139 -0.35 36.43 4.19
CA ASP A 139 -1.05 36.50 2.91
C ASP A 139 -0.95 35.19 2.14
N TYR A 140 -0.86 34.07 2.83
CA TYR A 140 -0.81 32.78 2.16
C TYR A 140 -2.21 32.39 1.68
N PRO A 141 -2.34 31.86 0.46
CA PRO A 141 -3.66 31.40 -0.01
C PRO A 141 -4.37 30.53 1.02
N ARG A 142 -5.57 30.93 1.42
CA ARG A 142 -6.30 30.21 2.46
C ARG A 142 -6.59 28.78 2.02
N ASN A 143 -6.90 28.56 0.74
CA ASN A 143 -7.21 27.22 0.27
C ASN A 143 -6.05 26.26 0.50
N LEU A 144 -4.82 26.74 0.42
CA LEU A 144 -3.65 25.89 0.59
C LEU A 144 -3.27 25.68 2.06
N ILE A 145 -4.14 26.06 2.99
CA ILE A 145 -3.91 25.86 4.42
C ILE A 145 -4.95 24.88 4.93
N LEU A 146 -4.48 23.78 5.54
CA LEU A 146 -5.36 22.76 6.09
C LEU A 146 -4.83 22.35 7.46
N GLY A 147 -5.75 21.97 8.34
CA GLY A 147 -5.38 21.50 9.66
C GLY A 147 -6.04 20.16 9.95
N THR A 148 -5.25 19.25 10.50
CA THR A 148 -5.77 17.94 10.85
C THR A 148 -7.03 18.06 11.68
N GLY A 149 -7.04 19.00 12.61
CA GLY A 149 -8.23 19.26 13.40
C GLY A 149 -8.69 18.04 14.14
N THR A 150 -10.00 17.81 14.11
CA THR A 150 -10.62 16.69 14.80
C THR A 150 -10.59 15.39 14.01
N MET A 151 -9.85 15.37 12.89
CA MET A 151 -9.71 14.11 12.15
C MET A 151 -9.13 13.02 13.03
N LEU A 152 -8.23 13.38 13.93
CA LEU A 152 -7.70 12.40 14.87
C LEU A 152 -8.80 11.93 15.82
N GLU A 153 -9.67 12.84 16.26
CA GLU A 153 -10.78 12.42 17.11
C GLU A 153 -11.72 11.47 16.36
N THR A 154 -11.90 11.70 15.06
CA THR A 154 -12.70 10.79 14.26
C THR A 154 -12.12 9.38 14.30
N TYR A 155 -10.81 9.26 14.08
CA TYR A 155 -10.18 7.95 14.23
C TYR A 155 -10.46 7.33 15.59
N ARG A 156 -10.39 8.15 16.65
CA ARG A 156 -10.68 7.64 17.98
C ARG A 156 -12.14 7.25 18.14
N PHE A 157 -13.04 8.04 17.55
CA PHE A 157 -14.46 7.70 17.60
C PHE A 157 -14.74 6.42 16.84
N ARG A 158 -14.06 6.23 15.70
CA ARG A 158 -14.24 4.99 14.94
C ARG A 158 -13.69 3.80 15.69
N ARG A 159 -12.58 3.99 16.43
CA ARG A 159 -11.98 2.89 17.17
C ARG A 159 -12.80 2.54 18.41
N ILE A 160 -13.38 3.55 19.05
CA ILE A 160 -14.18 3.29 20.26
C ILE A 160 -15.36 2.39 19.92
N LEU A 161 -16.14 2.75 18.90
CA LEU A 161 -17.27 1.91 18.51
C LEU A 161 -16.82 0.61 17.86
N ALA A 162 -15.64 0.61 17.23
CA ALA A 162 -15.14 -0.62 16.61
C ALA A 162 -14.88 -1.68 17.66
N ASP A 163 -14.16 -1.33 18.73
CA ASP A 163 -13.89 -2.30 19.79
C ASP A 163 -15.11 -2.55 20.66
N LYS A 164 -16.03 -1.58 20.72
CA LYS A 164 -17.23 -1.77 21.53
C LYS A 164 -18.18 -2.78 20.93
N TYR A 165 -18.20 -2.89 19.59
CA TYR A 165 -19.10 -3.82 18.90
C TYR A 165 -18.37 -4.78 17.97
N GLN A 166 -17.03 -4.76 17.97
CA GLN A 166 -16.25 -5.67 17.13
C GLN A 166 -16.60 -5.50 15.65
N VAL A 167 -16.68 -4.23 15.24
CA VAL A 167 -16.99 -3.87 13.87
C VAL A 167 -15.82 -3.08 13.29
N ASP A 168 -15.62 -3.22 11.99
CA ASP A 168 -14.56 -2.49 11.31
C ASP A 168 -14.71 -0.99 11.58
N PRO A 169 -13.67 -0.32 12.12
CA PRO A 169 -13.82 1.12 12.40
C PRO A 169 -14.17 1.92 11.16
N LYS A 170 -13.71 1.50 9.98
CA LYS A 170 -14.02 2.25 8.76
C LYS A 170 -15.51 2.28 8.49
N ASN A 171 -16.25 1.26 8.94
CA ASN A 171 -17.70 1.28 8.76
C ASN A 171 -18.36 2.40 9.55
N ILE A 172 -17.70 2.93 10.59
CA ILE A 172 -18.25 4.00 11.40
C ILE A 172 -18.15 5.30 10.61
N ASN A 173 -19.27 5.73 10.04
CA ASN A 173 -19.31 6.97 9.27
C ASN A 173 -19.64 8.15 10.18
N GLY A 174 -19.36 9.33 9.69
CA GLY A 174 -19.63 10.58 10.40
C GLY A 174 -18.36 11.35 10.68
N TYR A 175 -18.50 12.34 11.55
CA TYR A 175 -17.39 13.21 11.91
C TYR A 175 -17.43 13.49 13.41
N VAL A 176 -16.26 13.88 13.92
CA VAL A 176 -16.14 14.51 15.23
C VAL A 176 -15.68 15.93 14.96
N LEU A 177 -16.54 16.91 15.24
CA LEU A 177 -16.29 18.29 14.90
C LEU A 177 -16.02 19.10 16.16
N GLY A 178 -15.61 20.36 15.94
CA GLY A 178 -15.30 21.25 17.04
C GLY A 178 -13.82 21.52 17.20
N GLU A 179 -13.37 21.67 18.44
CA GLU A 179 -11.98 21.94 18.72
C GLU A 179 -11.22 20.62 18.83
N HIS A 180 -9.94 20.66 18.46
CA HIS A 180 -9.12 19.46 18.44
C HIS A 180 -8.50 19.15 19.80
N GLY A 181 -8.63 20.07 20.76
CA GLY A 181 -7.99 19.91 22.05
C GLY A 181 -8.95 19.34 23.09
N ASN A 182 -9.99 20.11 23.43
CA ASN A 182 -10.94 19.70 24.44
C ASN A 182 -12.40 19.83 24.01
N ALA A 183 -12.71 20.69 23.02
CA ALA A 183 -14.08 20.97 22.63
C ALA A 183 -14.53 20.11 21.43
N ALA A 184 -13.90 18.94 21.26
CA ALA A 184 -14.25 18.02 20.18
C ALA A 184 -15.55 17.29 20.53
N PHE A 185 -16.61 17.59 19.79
CA PHE A 185 -17.91 16.94 19.99
C PHE A 185 -18.21 16.07 18.77
N VAL A 186 -18.88 14.95 19.00
CA VAL A 186 -19.29 14.07 17.91
C VAL A 186 -20.68 14.50 17.44
N ALA A 187 -20.82 14.71 16.13
CA ALA A 187 -22.08 15.11 15.53
C ALA A 187 -22.88 13.84 15.24
N TRP A 188 -23.63 13.37 16.23
CA TRP A 188 -24.37 12.12 16.07
C TRP A 188 -25.32 12.17 14.89
N SER A 189 -25.73 13.37 14.46
CA SER A 189 -26.66 13.48 13.34
C SER A 189 -26.03 13.03 12.04
N THR A 190 -24.73 13.25 11.89
CA THR A 190 -24.03 12.91 10.66
C THR A 190 -23.34 11.56 10.73
N THR A 191 -23.53 10.80 11.81
CA THR A 191 -22.87 9.52 11.99
C THR A 191 -23.78 8.38 11.53
N GLY A 192 -23.19 7.19 11.45
CA GLY A 192 -23.90 6.01 11.00
C GLY A 192 -22.97 4.83 10.81
N CYS A 193 -23.32 3.67 11.35
CA CYS A 193 -22.46 2.50 11.29
C CYS A 193 -22.96 1.54 10.22
N ALA A 194 -22.19 1.41 9.13
CA ALA A 194 -22.46 0.42 8.10
C ALA A 194 -23.86 0.57 7.52
N GLY A 195 -24.29 1.81 7.30
CA GLY A 195 -25.55 2.08 6.64
C GLY A 195 -26.76 2.10 7.55
N PHE A 196 -26.59 1.95 8.85
CA PHE A 196 -27.68 1.99 9.80
C PHE A 196 -27.28 2.82 10.99
N PRO A 197 -28.23 3.30 11.78
CA PRO A 197 -27.89 4.13 12.94
C PRO A 197 -26.96 3.41 13.90
N ILE A 198 -26.01 4.17 14.47
CA ILE A 198 -25.07 3.59 15.42
C ILE A 198 -25.79 3.08 16.66
N ASP A 199 -26.89 3.73 17.04
CA ASP A 199 -27.65 3.31 18.22
C ASP A 199 -28.31 1.95 18.02
N ASP A 200 -28.44 1.49 16.78
CA ASP A 200 -29.08 0.20 16.52
C ASP A 200 -28.16 -0.97 16.80
N LEU A 201 -26.85 -0.74 16.92
CA LEU A 201 -25.93 -1.85 17.19
C LEU A 201 -26.32 -2.60 18.46
N ASP A 202 -26.82 -1.88 19.47
CA ASP A 202 -27.27 -2.54 20.68
C ASP A 202 -28.43 -3.49 20.39
N GLU A 203 -29.29 -3.13 19.45
CA GLU A 203 -30.39 -4.01 19.08
C GLU A 203 -29.93 -5.15 18.18
N TYR A 204 -28.95 -4.88 17.31
CA TYR A 204 -28.43 -5.93 16.44
C TYR A 204 -27.72 -7.00 17.25
N PHE A 205 -26.75 -6.61 18.07
CA PHE A 205 -25.99 -7.55 18.89
C PHE A 205 -26.73 -7.99 20.15
N HIS A 206 -27.96 -7.51 20.38
CA HIS A 206 -28.75 -7.87 21.55
C HIS A 206 -28.01 -7.53 22.84
N ARG A 207 -27.62 -6.27 22.95
CA ARG A 207 -26.91 -5.75 24.11
C ARG A 207 -27.90 -5.05 25.02
N THR A 208 -28.01 -5.54 26.27
CA THR A 208 -28.90 -4.92 27.23
C THR A 208 -28.38 -3.58 27.74
N GLU A 209 -27.07 -3.33 27.59
CA GLU A 209 -26.47 -2.06 28.01
C GLU A 209 -26.67 -1.05 26.89
N LYS A 210 -27.61 -0.12 27.09
CA LYS A 210 -27.91 0.87 26.06
C LYS A 210 -26.67 1.71 25.76
N LEU A 211 -26.52 2.08 24.50
CA LEU A 211 -25.39 2.91 24.06
C LEU A 211 -25.61 4.34 24.53
N SER A 212 -24.84 4.75 25.53
CA SER A 212 -24.93 6.11 26.07
C SER A 212 -24.10 7.05 25.18
N HIS A 213 -24.79 7.94 24.44
CA HIS A 213 -24.09 8.88 23.57
C HIS A 213 -23.11 9.73 24.37
N GLU A 214 -23.50 10.12 25.59
CA GLU A 214 -22.61 10.93 26.42
C GLU A 214 -21.39 10.12 26.86
N ALA A 215 -21.59 8.85 27.22
CA ALA A 215 -20.48 8.03 27.65
C ALA A 215 -19.42 7.90 26.57
N VAL A 216 -19.84 7.72 25.31
CA VAL A 216 -18.90 7.60 24.21
C VAL A 216 -18.11 8.90 24.05
N GLU A 217 -18.78 10.04 24.14
CA GLU A 217 -18.09 11.32 24.01
C GLU A 217 -17.09 11.53 25.15
N GLN A 218 -17.50 11.21 26.38
CA GLN A 218 -16.58 11.33 27.51
C GLN A 218 -15.41 10.37 27.38
N GLU A 219 -15.68 9.12 26.97
CA GLU A 219 -14.60 8.15 26.77
C GLU A 219 -13.59 8.67 25.74
N LEU A 220 -14.07 9.37 24.72
CA LEU A 220 -13.17 9.96 23.75
C LEU A 220 -12.26 11.00 24.38
N VAL A 221 -12.72 11.65 25.45
CA VAL A 221 -11.90 12.65 26.14
C VAL A 221 -10.93 11.98 27.10
N GLN A 222 -11.32 10.85 27.70
CA GLN A 222 -10.41 10.17 28.62
C GLN A 222 -9.25 9.52 27.87
N VAL A 223 -9.55 8.84 26.76
CA VAL A 223 -8.49 8.20 25.98
C VAL A 223 -7.49 9.24 25.50
N ALA A 224 -7.97 10.43 25.12
CA ALA A 224 -7.07 11.48 24.66
C ALA A 224 -6.14 11.91 25.78
N TYR A 225 -6.64 11.95 27.02
CA TYR A 225 -5.81 12.33 28.16
C TYR A 225 -4.99 11.16 28.70
N ASP A 226 -5.38 9.92 28.41
CA ASP A 226 -4.63 8.77 28.87
C ASP A 226 -3.39 8.53 28.01
N VAL A 227 -3.54 8.59 26.70
CA VAL A 227 -2.40 8.37 25.80
C VAL A 227 -1.35 9.46 25.98
N ILE A 228 -1.79 10.72 26.05
CA ILE A 228 -0.85 11.83 26.20
C ILE A 228 -0.06 11.72 27.49
N ASN A 229 -0.57 11.01 28.49
CA ASN A 229 0.12 10.81 29.76
C ASN A 229 0.78 9.44 29.85
N LYS A 230 0.04 8.37 29.53
CA LYS A 230 0.61 7.03 29.58
C LYS A 230 1.76 6.89 28.59
N LYS A 231 1.49 7.15 27.31
CA LYS A 231 2.52 7.09 26.28
C LYS A 231 3.46 8.28 26.34
N GLY A 232 3.02 9.40 26.91
CA GLY A 232 3.83 10.60 26.99
C GLY A 232 3.70 11.52 25.81
N PHE A 233 3.07 11.08 24.72
CA PHE A 233 2.89 11.90 23.53
C PHE A 233 1.91 11.20 22.60
N THR A 234 1.50 11.92 21.56
CA THR A 234 0.54 11.43 20.56
C THR A 234 1.11 11.75 19.19
N ASN A 235 1.89 10.83 18.63
CA ASN A 235 2.49 11.01 17.32
C ASN A 235 2.09 9.95 16.30
N THR A 236 1.57 8.81 16.74
CA THR A 236 1.21 7.74 15.81
C THR A 236 -0.12 8.04 15.13
N GLY A 237 -1.17 8.26 15.90
CA GLY A 237 -2.48 8.51 15.31
C GLY A 237 -2.51 9.79 14.49
N ILE A 238 -1.86 10.85 14.99
CA ILE A 238 -1.87 12.12 14.29
C ILE A 238 -1.09 12.02 12.98
N ALA A 239 -0.04 11.18 12.94
CA ALA A 239 0.74 11.03 11.72
C ALA A 239 -0.10 10.41 10.60
N MET A 240 -0.99 9.49 10.95
CA MET A 240 -1.83 8.87 9.92
C MET A 240 -2.84 9.86 9.37
N ALA A 241 -3.43 10.70 10.22
CA ALA A 241 -4.37 11.69 9.73
C ALA A 241 -3.72 12.63 8.72
N ALA A 242 -2.48 13.04 8.98
CA ALA A 242 -1.78 13.91 8.04
C ALA A 242 -1.56 13.20 6.71
N CYS A 243 -1.23 11.91 6.75
CA CYS A 243 -1.04 11.17 5.51
C CYS A 243 -2.35 11.09 4.72
N ARG A 244 -3.49 10.98 5.41
CA ARG A 244 -4.78 10.96 4.72
C ARG A 244 -5.00 12.26 3.96
N PHE A 245 -4.77 13.40 4.62
CA PHE A 245 -4.90 14.67 3.93
C PHE A 245 -3.86 14.83 2.84
N ILE A 246 -2.66 14.30 3.05
CA ILE A 246 -1.63 14.34 2.02
C ILE A 246 -2.06 13.52 0.82
N LYS A 247 -2.69 12.37 1.07
CA LYS A 247 -3.20 11.56 -0.04
C LYS A 247 -4.37 12.24 -0.73
N SER A 248 -5.15 13.05 0.00
CA SER A 248 -6.26 13.75 -0.63
C SER A 248 -5.78 14.81 -1.60
N VAL A 249 -4.69 15.49 -1.28
CA VAL A 249 -4.17 16.52 -2.17
C VAL A 249 -3.27 15.92 -3.24
N LEU A 250 -2.59 14.80 -2.94
CA LEU A 250 -1.73 14.21 -3.95
C LEU A 250 -2.54 13.51 -5.03
N TYR A 251 -3.71 12.98 -4.69
CA TYR A 251 -4.54 12.25 -5.63
C TYR A 251 -5.80 13.01 -6.03
N ASP A 252 -5.92 14.28 -5.63
CA ASP A 252 -7.06 15.09 -6.02
C ASP A 252 -8.36 14.35 -5.76
N GLU A 253 -8.46 13.77 -4.57
CA GLU A 253 -9.60 12.90 -4.27
C GLU A 253 -10.87 13.68 -3.99
N HIS A 254 -10.77 14.96 -3.65
CA HIS A 254 -11.95 15.77 -3.34
C HIS A 254 -12.73 15.14 -2.20
N THR A 255 -12.02 14.71 -1.16
CA THR A 255 -12.64 14.06 -0.02
C THR A 255 -13.14 15.10 0.96
N ILE A 256 -14.40 14.95 1.40
CA ILE A 256 -14.99 15.83 2.40
C ILE A 256 -14.59 15.27 3.76
N LEU A 257 -13.57 15.87 4.38
CA LEU A 257 -13.02 15.41 5.64
C LEU A 257 -13.10 16.52 6.69
N PRO A 258 -13.08 16.16 7.98
CA PRO A 258 -13.13 17.19 9.03
C PRO A 258 -11.75 17.77 9.32
N CYS A 259 -11.42 18.89 8.68
CA CYS A 259 -10.14 19.54 8.89
C CYS A 259 -10.36 20.93 9.48
N SER A 260 -9.36 21.42 10.19
CA SER A 260 -9.45 22.72 10.84
C SER A 260 -9.04 23.84 9.88
N ALA A 261 -9.75 24.96 9.95
CA ALA A 261 -9.48 26.14 9.14
C ALA A 261 -10.41 27.26 9.59
N VAL A 262 -10.03 28.49 9.24
CA VAL A 262 -10.81 29.66 9.65
C VAL A 262 -12.19 29.60 9.02
N LEU A 263 -13.22 29.65 9.86
CA LEU A 263 -14.60 29.61 9.37
C LEU A 263 -14.94 30.93 8.68
N GLU A 264 -15.84 30.84 7.70
CA GLU A 264 -16.28 31.99 6.91
C GLU A 264 -17.80 32.10 6.93
N GLY A 265 -18.38 31.96 8.11
CA GLY A 265 -19.81 32.09 8.30
C GLY A 265 -20.55 30.78 8.49
N GLU A 266 -19.87 29.64 8.36
CA GLU A 266 -20.54 28.37 8.55
C GLU A 266 -21.09 28.26 9.98
N TYR A 267 -22.38 27.99 10.11
CA TYR A 267 -23.07 27.88 11.38
C TYR A 267 -23.14 29.21 12.14
N GLY A 268 -22.81 30.32 11.49
CA GLY A 268 -22.84 31.61 12.12
C GLY A 268 -21.59 31.97 12.88
N ILE A 269 -20.49 31.26 12.66
CA ILE A 269 -19.22 31.51 13.34
C ILE A 269 -18.25 32.10 12.32
N LYS A 270 -17.56 33.17 12.72
CA LYS A 270 -16.58 33.83 11.86
C LYS A 270 -15.37 34.21 12.69
N ASP A 271 -14.26 34.46 12.01
CA ASP A 271 -12.99 34.84 12.65
C ASP A 271 -12.56 33.81 13.70
N VAL A 272 -12.90 32.54 13.45
CA VAL A 272 -12.57 31.46 14.36
C VAL A 272 -12.25 30.21 13.54
N ALA A 273 -11.26 29.44 13.98
CA ALA A 273 -10.85 28.22 13.30
C ALA A 273 -11.42 27.02 14.03
N LEU A 274 -12.18 26.20 13.31
CA LEU A 274 -12.75 24.97 13.87
C LEU A 274 -12.74 23.90 12.80
N SER A 275 -13.08 22.67 13.22
CA SER A 275 -13.08 21.51 12.34
C SER A 275 -14.50 21.26 11.86
N ILE A 276 -14.70 21.39 10.55
CA ILE A 276 -16.00 21.11 9.93
C ILE A 276 -15.75 20.37 8.62
N PRO A 277 -16.77 19.67 8.12
CA PRO A 277 -16.60 18.94 6.85
C PRO A 277 -16.19 19.88 5.72
N ARG A 278 -15.04 19.59 5.12
CA ARG A 278 -14.51 20.40 4.03
C ARG A 278 -13.87 19.49 3.00
N MET A 279 -14.07 19.83 1.72
CA MET A 279 -13.54 19.04 0.62
C MET A 279 -12.07 19.37 0.41
N VAL A 280 -11.23 18.33 0.42
CA VAL A 280 -9.79 18.46 0.23
C VAL A 280 -9.44 17.94 -1.16
N CYS A 281 -8.87 18.79 -1.99
CA CYS A 281 -8.47 18.43 -3.35
C CYS A 281 -7.00 18.81 -3.55
N ALA A 282 -6.52 18.62 -4.78
CA ALA A 282 -5.14 18.95 -5.09
C ALA A 282 -4.83 20.41 -4.78
N ASP A 283 -5.80 21.30 -4.99
CA ASP A 283 -5.65 22.72 -4.68
C ASP A 283 -5.96 23.04 -3.24
N GLY A 284 -6.04 22.04 -2.37
CA GLY A 284 -6.33 22.28 -0.97
C GLY A 284 -7.81 22.20 -0.65
N ILE A 285 -8.29 23.10 0.20
CA ILE A 285 -9.69 23.11 0.60
C ILE A 285 -10.49 23.78 -0.52
N MET A 286 -11.31 22.98 -1.21
CA MET A 286 -12.12 23.52 -2.29
C MET A 286 -13.31 24.30 -1.76
N ARG A 287 -14.08 23.72 -0.85
CA ARG A 287 -15.23 24.39 -0.27
C ARG A 287 -15.55 23.70 1.06
N SER A 288 -16.53 24.26 1.76
CA SER A 288 -17.00 23.73 3.03
C SER A 288 -18.40 23.14 2.87
N PHE A 289 -18.72 22.16 3.69
CA PHE A 289 -20.01 21.48 3.65
C PHE A 289 -20.69 21.66 5.00
N GLU A 290 -21.60 22.64 5.07
CA GLU A 290 -22.33 22.95 6.29
C GLU A 290 -23.42 21.90 6.46
N VAL A 291 -23.10 20.84 7.17
CA VAL A 291 -24.05 19.77 7.45
C VAL A 291 -24.97 20.22 8.58
N HIS A 292 -26.28 19.97 8.41
CA HIS A 292 -27.27 20.41 9.38
C HIS A 292 -27.05 19.74 10.73
N LEU A 293 -26.57 20.51 11.71
CA LEU A 293 -26.39 20.01 13.06
C LEU A 293 -27.67 20.18 13.86
N THR A 294 -27.84 19.33 14.88
CA THR A 294 -29.01 19.41 15.72
C THR A 294 -28.90 20.63 16.64
N ASP A 295 -30.02 20.96 17.30
CA ASP A 295 -30.01 22.09 18.22
C ASP A 295 -29.00 21.88 19.34
N ASP A 296 -28.74 20.63 19.71
CA ASP A 296 -27.73 20.35 20.74
C ASP A 296 -26.33 20.29 20.14
N GLU A 297 -26.20 19.68 18.95
CA GLU A 297 -24.88 19.62 18.31
C GLU A 297 -24.40 21.02 17.92
N LEU A 298 -25.29 21.82 17.32
CA LEU A 298 -24.92 23.19 16.96
C LEU A 298 -24.55 23.98 18.20
N GLU A 299 -25.22 23.72 19.33
CA GLU A 299 -24.84 24.39 20.57
C GLU A 299 -23.42 24.01 20.98
N LYS A 300 -23.02 22.77 20.72
CA LYS A 300 -21.65 22.35 21.00
C LYS A 300 -20.67 23.01 20.04
N MET A 301 -21.08 23.18 18.77
CA MET A 301 -20.22 23.86 17.81
C MET A 301 -19.94 25.30 18.26
N HIS A 302 -21.00 26.02 18.64
CA HIS A 302 -20.82 27.38 19.15
C HIS A 302 -20.02 27.39 20.44
N LYS A 303 -20.23 26.37 21.30
CA LYS A 303 -19.44 26.27 22.52
C LYS A 303 -17.96 26.08 22.21
N ALA A 304 -17.65 25.29 21.18
CA ALA A 304 -16.27 25.10 20.77
C ALA A 304 -15.69 26.36 20.12
N ALA A 305 -16.52 27.14 19.44
CA ALA A 305 -16.05 28.39 18.85
C ALA A 305 -15.65 29.40 19.92
N GLN A 306 -16.41 29.44 21.02
CA GLN A 306 -16.07 30.35 22.11
C GLN A 306 -14.87 29.86 22.90
N SER A 307 -14.58 28.56 22.86
CA SER A 307 -13.42 28.03 23.58
C SER A 307 -12.12 28.43 22.89
N VAL A 308 -12.05 28.26 21.57
CA VAL A 308 -10.83 28.62 20.85
C VAL A 308 -10.64 30.13 20.86
N ARG A 309 -11.73 30.88 20.66
CA ARG A 309 -11.61 32.33 20.68
C ARG A 309 -11.27 32.85 22.06
N SER A 310 -11.76 32.19 23.11
CA SER A 310 -11.37 32.56 24.46
C SER A 310 -9.87 32.39 24.67
N ALA A 311 -9.26 31.44 23.95
CA ALA A 311 -7.82 31.25 24.00
C ALA A 311 -7.08 32.15 23.02
N LEU A 312 -7.67 32.41 21.85
CA LEU A 312 -7.05 33.31 20.89
C LEU A 312 -6.98 34.74 21.45
N ASP A 313 -8.08 35.21 22.04
CA ASP A 313 -8.08 36.54 22.63
C ASP A 313 -7.12 36.63 23.81
N GLY A 314 -7.04 35.56 24.60
CA GLY A 314 -6.12 35.55 25.74
C GLY A 314 -4.67 35.70 25.33
N ALA A 315 -4.32 35.30 24.11
CA ALA A 315 -2.96 35.43 23.60
C ALA A 315 -2.76 36.67 22.73
N GLY A 316 -3.82 37.43 22.45
CA GLY A 316 -3.72 38.60 21.62
C GLY A 316 -4.42 38.45 20.29
N ILE A 317 -3.69 38.66 19.20
CA ILE A 317 -4.24 38.53 17.85
C ILE A 317 -5.39 39.51 17.68
N MET B 1 1.82 -23.35 14.22
CA MET B 1 0.99 -22.51 13.31
C MET B 1 1.64 -22.40 11.93
N ASN B 2 0.98 -21.71 11.01
CA ASN B 2 1.46 -21.55 9.65
C ASN B 2 1.67 -20.06 9.38
N ASN B 3 2.91 -19.67 9.09
CA ASN B 3 3.24 -18.29 8.75
C ASN B 3 2.97 -17.96 7.30
N ARG B 4 2.47 -18.91 6.51
CA ARG B 4 2.17 -18.70 5.10
C ARG B 4 0.67 -18.54 4.90
N ARG B 5 0.30 -17.72 3.92
CA ARG B 5 -1.08 -17.53 3.51
C ARG B 5 -1.21 -17.99 2.06
N LYS B 6 -2.11 -18.93 1.82
CA LYS B 6 -2.29 -19.52 0.50
C LYS B 6 -3.70 -19.25 0.01
N ILE B 7 -3.81 -18.63 -1.16
CA ILE B 7 -5.09 -18.36 -1.79
C ILE B 7 -5.18 -19.23 -3.04
N VAL B 8 -6.38 -19.72 -3.32
CA VAL B 8 -6.65 -20.57 -4.49
C VAL B 8 -7.64 -19.83 -5.37
N VAL B 9 -7.29 -19.69 -6.65
CA VAL B 9 -8.12 -18.99 -7.63
C VAL B 9 -8.49 -20.02 -8.69
N ILE B 10 -9.73 -20.50 -8.64
CA ILE B 10 -10.22 -21.47 -9.62
C ILE B 10 -10.66 -20.72 -10.87
N GLY B 11 -10.21 -21.19 -12.02
CA GLY B 11 -10.48 -20.49 -13.28
C GLY B 11 -9.46 -19.40 -13.53
N ALA B 12 -8.73 -19.49 -14.64
CA ALA B 12 -7.66 -18.54 -14.93
C ALA B 12 -7.97 -17.73 -16.18
N SER B 13 -9.18 -17.18 -16.25
CA SER B 13 -9.62 -16.36 -17.37
C SER B 13 -9.33 -14.90 -17.04
N ASN B 14 -10.01 -13.96 -17.70
CA ASN B 14 -9.81 -12.56 -17.40
C ASN B 14 -9.97 -12.31 -15.90
N VAL B 15 -11.16 -12.58 -15.37
CA VAL B 15 -11.41 -12.32 -13.95
C VAL B 15 -10.47 -13.14 -13.09
N GLY B 16 -10.16 -14.37 -13.52
CA GLY B 16 -9.28 -15.23 -12.73
C GLY B 16 -7.89 -14.66 -12.59
N SER B 17 -7.34 -14.10 -13.66
CA SER B 17 -6.01 -13.53 -13.61
C SER B 17 -6.03 -12.13 -13.03
N ALA B 18 -7.22 -11.51 -12.98
CA ALA B 18 -7.38 -10.18 -12.42
C ALA B 18 -7.33 -10.24 -10.91
N VAL B 19 -7.88 -11.31 -10.33
CA VAL B 19 -7.86 -11.49 -8.88
C VAL B 19 -6.48 -11.91 -8.41
N ALA B 20 -5.84 -12.85 -9.14
CA ALA B 20 -4.49 -13.28 -8.75
C ALA B 20 -3.49 -12.14 -8.88
N ASN B 21 -3.57 -11.38 -9.98
CA ASN B 21 -2.65 -10.25 -10.17
C ASN B 21 -2.89 -9.19 -9.09
N LYS B 22 -4.15 -8.77 -8.92
CA LYS B 22 -4.47 -7.77 -7.91
C LYS B 22 -3.96 -8.24 -6.56
N ILE B 23 -4.16 -9.52 -6.26
CA ILE B 23 -3.63 -10.10 -5.02
C ILE B 23 -2.13 -9.91 -4.98
N ALA B 24 -1.45 -10.26 -6.09
CA ALA B 24 0.00 -10.13 -6.15
C ALA B 24 0.43 -8.67 -6.00
N ASP B 25 -0.35 -7.74 -6.56
CA ASP B 25 0.02 -6.34 -6.50
C ASP B 25 -0.15 -5.83 -5.07
N PHE B 26 -1.17 -6.34 -4.38
CA PHE B 26 -1.45 -5.91 -3.03
C PHE B 26 -0.66 -6.77 -2.04
N GLN B 27 -0.14 -7.93 -2.49
CA GLN B 27 0.63 -8.85 -1.67
C GLN B 27 -0.10 -9.63 -0.56
N LEU B 28 -1.26 -10.18 -0.87
CA LEU B 28 -2.19 -10.61 0.16
C LEU B 28 -1.93 -12.05 0.59
N ALA B 29 -1.26 -12.82 -0.26
CA ALA B 29 -0.99 -14.23 -0.01
C ALA B 29 0.46 -14.58 -0.33
N THR B 30 0.97 -15.61 0.37
CA THR B 30 2.32 -16.09 0.13
C THR B 30 2.41 -16.98 -1.11
N GLU B 31 1.35 -17.73 -1.41
CA GLU B 31 1.32 -18.64 -2.55
C GLU B 31 -0.08 -18.60 -3.15
N VAL B 32 -0.17 -18.30 -4.44
CA VAL B 32 -1.44 -18.24 -5.15
C VAL B 32 -1.39 -19.22 -6.30
N VAL B 33 -2.34 -20.16 -6.33
CA VAL B 33 -2.39 -21.20 -7.35
C VAL B 33 -3.62 -20.97 -8.21
N LEU B 34 -3.47 -21.20 -9.52
CA LEU B 34 -4.55 -21.06 -10.48
C LEU B 34 -4.99 -22.44 -10.94
N ILE B 35 -6.23 -22.80 -10.63
CA ILE B 35 -6.80 -24.10 -10.96
C ILE B 35 -7.86 -23.86 -12.02
N ASP B 36 -7.54 -24.18 -13.28
CA ASP B 36 -8.47 -24.02 -14.38
C ASP B 36 -8.47 -25.28 -15.23
N LEU B 37 -9.61 -25.58 -15.83
CA LEU B 37 -9.70 -26.75 -16.71
C LEU B 37 -8.67 -26.67 -17.82
N ASN B 38 -8.44 -25.47 -18.36
CA ASN B 38 -7.40 -25.24 -19.35
C ASN B 38 -6.09 -25.01 -18.61
N GLU B 39 -5.42 -26.12 -18.29
CA GLU B 39 -4.17 -26.04 -17.53
C GLU B 39 -3.14 -25.16 -18.21
N ASP B 40 -3.15 -25.11 -19.54
CA ASP B 40 -2.21 -24.25 -20.25
C ASP B 40 -2.45 -22.78 -19.91
N LYS B 41 -3.72 -22.37 -19.85
CA LYS B 41 -4.03 -20.98 -19.50
C LYS B 41 -3.65 -20.67 -18.06
N ALA B 42 -3.93 -21.61 -17.14
CA ALA B 42 -3.56 -21.40 -15.75
C ALA B 42 -2.05 -21.31 -15.59
N TRP B 43 -1.32 -22.21 -16.27
CA TRP B 43 0.14 -22.16 -16.21
C TRP B 43 0.66 -20.87 -16.84
N GLY B 44 0.09 -20.48 -17.98
CA GLY B 44 0.54 -19.25 -18.62
C GLY B 44 0.22 -18.03 -17.78
N GLU B 45 -1.01 -17.94 -17.27
CA GLU B 45 -1.37 -16.81 -16.42
C GLU B 45 -0.54 -16.80 -15.14
N ALA B 46 -0.30 -17.97 -14.54
CA ALA B 46 0.52 -18.04 -13.34
C ALA B 46 1.97 -17.70 -13.64
N LYS B 47 2.52 -18.25 -14.72
CA LYS B 47 3.90 -17.96 -15.07
C LYS B 47 4.09 -16.47 -15.35
N ASP B 48 3.21 -15.88 -16.16
CA ASP B 48 3.31 -14.46 -16.44
C ASP B 48 3.29 -13.64 -15.15
N SER B 49 2.42 -14.02 -14.20
CA SER B 49 2.39 -13.34 -12.91
C SER B 49 3.62 -13.69 -12.08
N SER B 50 4.14 -14.90 -12.23
CA SER B 50 5.35 -15.29 -11.52
C SER B 50 6.52 -14.38 -11.90
N HIS B 51 6.57 -13.91 -13.15
CA HIS B 51 7.62 -12.97 -13.54
C HIS B 51 7.43 -11.63 -12.85
N ALA B 52 6.17 -11.20 -12.68
CA ALA B 52 5.90 -9.93 -12.01
C ALA B 52 6.29 -10.00 -10.53
N THR B 53 5.95 -11.10 -9.85
CA THR B 53 6.29 -11.24 -8.45
C THR B 53 7.81 -11.20 -8.21
N SER B 54 8.61 -11.45 -9.25
CA SER B 54 10.06 -11.41 -9.12
C SER B 54 10.61 -9.99 -9.13
N CYS B 55 9.76 -8.96 -9.18
CA CYS B 55 10.22 -7.59 -9.21
C CYS B 55 10.91 -7.22 -7.91
N ILE B 56 11.73 -6.17 -7.97
CA ILE B 56 12.46 -5.72 -6.80
C ILE B 56 11.51 -5.13 -5.76
N TYR B 57 10.34 -4.66 -6.19
CA TYR B 57 9.37 -4.07 -5.28
C TYR B 57 8.27 -5.06 -4.86
N SER B 58 8.21 -6.22 -5.50
CA SER B 58 7.20 -7.22 -5.21
C SER B 58 7.79 -8.37 -4.42
N THR B 59 7.05 -8.84 -3.42
CA THR B 59 7.51 -9.97 -2.64
C THR B 59 7.56 -11.22 -3.53
N ASN B 60 8.24 -12.24 -3.04
CA ASN B 60 8.40 -13.50 -3.77
C ASN B 60 7.14 -14.37 -3.61
N ILE B 61 6.02 -13.85 -4.14
CA ILE B 61 4.77 -14.59 -4.10
C ILE B 61 4.84 -15.76 -5.07
N LYS B 62 4.49 -16.95 -4.58
CA LYS B 62 4.65 -18.18 -5.36
C LYS B 62 3.49 -18.32 -6.34
N PHE B 63 3.79 -18.27 -7.63
CA PHE B 63 2.82 -18.47 -8.69
C PHE B 63 3.12 -19.77 -9.41
N HIS B 64 2.12 -20.66 -9.48
CA HIS B 64 2.32 -21.96 -10.12
C HIS B 64 0.96 -22.59 -10.37
N LEU B 65 0.91 -23.46 -11.37
CA LEU B 65 -0.30 -24.20 -11.69
C LEU B 65 -0.46 -25.36 -10.71
N GLY B 66 -1.59 -25.38 -10.00
CA GLY B 66 -1.88 -26.43 -9.04
C GLY B 66 -3.21 -27.12 -9.34
N ASP B 67 -3.51 -28.12 -8.53
CA ASP B 67 -4.75 -28.88 -8.61
C ASP B 67 -5.53 -28.72 -7.31
N TYR B 68 -6.60 -29.51 -7.17
CA TYR B 68 -7.46 -29.38 -6.00
C TYR B 68 -6.76 -29.83 -4.72
N GLU B 69 -5.70 -30.62 -4.80
CA GLU B 69 -4.96 -30.99 -3.60
C GLU B 69 -4.34 -29.77 -2.93
N ASP B 70 -4.11 -28.68 -3.69
CA ASP B 70 -3.57 -27.46 -3.11
C ASP B 70 -4.58 -26.78 -2.20
N CYS B 71 -5.88 -27.06 -2.37
CA CYS B 71 -6.90 -26.46 -1.53
C CYS B 71 -6.85 -26.97 -0.10
N LYS B 72 -6.10 -28.04 0.18
CA LYS B 72 -5.99 -28.56 1.54
C LYS B 72 -5.42 -27.49 2.47
N ASP B 73 -4.26 -26.96 2.14
CA ASP B 73 -3.60 -25.92 2.92
C ASP B 73 -3.86 -24.53 2.33
N ALA B 74 -5.12 -24.22 2.09
CA ALA B 74 -5.51 -22.94 1.50
C ALA B 74 -6.39 -22.17 2.48
N ASN B 75 -6.10 -20.88 2.64
CA ASN B 75 -6.90 -20.03 3.52
C ASN B 75 -8.14 -19.49 2.81
N ILE B 76 -8.02 -19.16 1.52
CA ILE B 76 -9.13 -18.65 0.72
C ILE B 76 -9.12 -19.39 -0.61
N ILE B 77 -10.31 -19.63 -1.14
CA ILE B 77 -10.50 -20.33 -2.42
C ILE B 77 -11.44 -19.47 -3.24
N VAL B 78 -10.90 -18.63 -4.11
CA VAL B 78 -11.71 -17.79 -4.99
C VAL B 78 -12.13 -18.63 -6.20
N ILE B 79 -13.41 -18.58 -6.53
CA ILE B 79 -13.98 -19.33 -7.64
C ILE B 79 -14.38 -18.33 -8.72
N THR B 80 -13.69 -18.36 -9.85
CA THR B 80 -13.99 -17.46 -10.97
C THR B 80 -14.35 -18.23 -12.24
N ALA B 81 -14.73 -19.50 -12.11
CA ALA B 81 -15.08 -20.31 -13.27
C ALA B 81 -16.32 -19.74 -13.95
N LYS B 95 -30.64 -20.57 -19.26
CA LYS B 95 -29.90 -21.83 -19.21
C LYS B 95 -28.51 -21.62 -18.63
N LEU B 96 -28.00 -20.39 -18.74
CA LEU B 96 -26.68 -20.08 -18.21
C LEU B 96 -26.59 -20.36 -16.71
N ALA B 97 -27.69 -20.16 -15.98
CA ALA B 97 -27.69 -20.43 -14.55
C ALA B 97 -27.50 -21.92 -14.27
N GLY B 98 -28.18 -22.77 -15.03
CA GLY B 98 -28.03 -24.20 -14.82
C GLY B 98 -26.67 -24.70 -15.25
N THR B 99 -26.12 -24.15 -16.33
CA THR B 99 -24.79 -24.55 -16.79
C THR B 99 -23.72 -24.24 -15.74
N ASN B 100 -23.69 -22.99 -15.27
CA ASN B 100 -22.72 -22.63 -14.24
C ASN B 100 -22.97 -23.40 -12.95
N ALA B 101 -24.23 -23.69 -12.62
CA ALA B 101 -24.53 -24.49 -11.44
C ALA B 101 -23.85 -25.86 -11.54
N LYS B 102 -23.82 -26.45 -12.73
CA LYS B 102 -23.12 -27.71 -12.91
C LYS B 102 -21.62 -27.53 -12.72
N ILE B 103 -21.08 -26.39 -13.15
CA ILE B 103 -19.65 -26.13 -12.94
C ILE B 103 -19.36 -25.94 -11.46
N MET B 104 -20.25 -25.27 -10.73
CA MET B 104 -20.05 -25.09 -9.30
C MET B 104 -20.17 -26.42 -8.56
N SER B 105 -21.15 -27.24 -8.92
CA SER B 105 -21.30 -28.54 -8.27
C SER B 105 -20.08 -29.42 -8.51
N SER B 106 -19.49 -29.36 -9.72
CA SER B 106 -18.30 -30.14 -10.01
C SER B 106 -17.07 -29.53 -9.37
N VAL B 107 -16.95 -28.20 -9.40
CA VAL B 107 -15.81 -27.55 -8.78
C VAL B 107 -15.86 -27.67 -7.26
N MET B 108 -17.01 -27.31 -6.68
CA MET B 108 -17.16 -27.41 -5.23
C MET B 108 -17.09 -28.85 -4.76
N GLY B 109 -17.47 -29.81 -5.59
CA GLY B 109 -17.39 -31.20 -5.20
C GLY B 109 -15.98 -31.63 -4.86
N GLU B 110 -14.97 -31.02 -5.49
CA GLU B 110 -13.59 -31.32 -5.18
C GLU B 110 -13.04 -30.49 -4.04
N ILE B 111 -13.59 -29.28 -3.83
CA ILE B 111 -13.11 -28.43 -2.74
C ILE B 111 -13.50 -29.04 -1.40
N VAL B 112 -14.73 -29.53 -1.29
CA VAL B 112 -15.19 -30.10 -0.02
C VAL B 112 -14.40 -31.35 0.34
N LYS B 113 -13.88 -32.06 -0.65
CA LYS B 113 -13.18 -33.31 -0.37
C LYS B 113 -11.76 -33.08 0.16
N ARG B 114 -11.14 -31.96 -0.20
CA ARG B 114 -9.76 -31.69 0.21
C ARG B 114 -9.65 -30.74 1.39
N THR B 115 -10.70 -29.98 1.69
CA THR B 115 -10.64 -29.02 2.79
C THR B 115 -12.05 -28.71 3.27
N LYS B 116 -12.13 -28.22 4.50
CA LYS B 116 -13.41 -27.82 5.08
C LYS B 116 -13.26 -26.60 5.99
N GLU B 117 -12.17 -25.85 5.85
CA GLU B 117 -11.92 -24.68 6.68
C GLU B 117 -11.49 -23.45 5.88
N ALA B 118 -11.41 -23.54 4.56
CA ALA B 118 -11.00 -22.42 3.73
C ALA B 118 -12.17 -21.46 3.49
N MET B 119 -11.84 -20.25 3.05
CA MET B 119 -12.82 -19.23 2.74
C MET B 119 -13.17 -19.28 1.27
N ILE B 120 -14.43 -19.56 0.95
CA ILE B 120 -14.89 -19.68 -0.43
C ILE B 120 -15.45 -18.32 -0.83
N ILE B 121 -14.76 -17.64 -1.74
CA ILE B 121 -15.18 -16.34 -2.26
C ILE B 121 -15.67 -16.54 -3.69
N MET B 122 -16.99 -16.49 -3.87
CA MET B 122 -17.60 -16.71 -5.18
C MET B 122 -17.51 -15.46 -6.05
N ILE B 123 -17.12 -15.66 -7.30
CA ILE B 123 -17.07 -14.58 -8.29
C ILE B 123 -17.74 -14.97 -9.60
N THR B 124 -17.88 -16.26 -9.88
CA THR B 124 -18.48 -16.71 -11.13
C THR B 124 -19.90 -16.21 -11.29
N ASN B 125 -20.28 -15.90 -12.52
CA ASN B 125 -21.62 -15.40 -12.80
C ASN B 125 -22.50 -16.52 -13.34
N PRO B 126 -23.80 -16.58 -12.97
CA PRO B 126 -24.52 -15.69 -12.04
C PRO B 126 -24.01 -15.84 -10.61
N LEU B 127 -23.66 -14.72 -9.97
CA LEU B 127 -23.06 -14.78 -8.65
C LEU B 127 -24.03 -15.37 -7.64
N ASP B 128 -25.28 -14.88 -7.63
CA ASP B 128 -26.26 -15.35 -6.66
C ASP B 128 -26.57 -16.83 -6.85
N VAL B 129 -26.66 -17.29 -8.10
CA VAL B 129 -26.94 -18.70 -8.36
C VAL B 129 -25.77 -19.56 -7.91
N ALA B 130 -24.56 -19.19 -8.31
CA ALA B 130 -23.38 -19.98 -7.94
C ALA B 130 -23.19 -19.99 -6.43
N THR B 131 -23.49 -18.88 -5.77
CA THR B 131 -23.36 -18.83 -4.31
C THR B 131 -24.35 -19.76 -3.62
N TYR B 132 -25.58 -19.84 -4.13
CA TYR B 132 -26.58 -20.72 -3.54
C TYR B 132 -26.26 -22.18 -3.82
N VAL B 133 -25.66 -22.48 -4.98
CA VAL B 133 -25.35 -23.86 -5.32
C VAL B 133 -24.26 -24.41 -4.38
N VAL B 134 -23.18 -23.65 -4.21
CA VAL B 134 -22.07 -24.10 -3.38
C VAL B 134 -22.37 -24.00 -1.89
N SER B 135 -23.51 -23.40 -1.53
CA SER B 135 -23.84 -23.19 -0.13
C SER B 135 -24.92 -24.13 0.38
N THR B 136 -25.75 -24.71 -0.49
CA THR B 136 -26.81 -25.60 -0.08
C THR B 136 -26.62 -27.04 -0.53
N GLN B 137 -25.98 -27.26 -1.68
CA GLN B 137 -25.76 -28.60 -2.20
C GLN B 137 -24.53 -29.28 -1.62
N PHE B 138 -23.93 -28.71 -0.59
CA PHE B 138 -22.74 -29.28 0.03
C PHE B 138 -22.78 -29.02 1.53
N ASP B 139 -21.94 -29.74 2.26
CA ASP B 139 -21.86 -29.65 3.72
C ASP B 139 -20.77 -28.70 4.18
N TYR B 140 -20.33 -27.78 3.32
CA TYR B 140 -19.29 -26.84 3.70
C TYR B 140 -19.84 -25.89 4.77
N PRO B 141 -19.00 -25.47 5.74
CA PRO B 141 -19.47 -24.50 6.73
C PRO B 141 -20.08 -23.27 6.10
N ARG B 142 -21.32 -22.96 6.46
CA ARG B 142 -22.03 -21.86 5.81
C ARG B 142 -21.28 -20.55 5.97
N ASN B 143 -20.69 -20.31 7.15
CA ASN B 143 -20.00 -19.05 7.37
C ASN B 143 -18.81 -18.85 6.45
N LEU B 144 -18.19 -19.94 6.00
CA LEU B 144 -17.01 -19.88 5.16
C LEU B 144 -17.34 -19.75 3.68
N ILE B 145 -18.59 -19.43 3.34
CA ILE B 145 -19.02 -19.29 1.95
C ILE B 145 -19.45 -17.85 1.74
N LEU B 146 -18.79 -17.16 0.81
CA LEU B 146 -19.03 -15.75 0.52
C LEU B 146 -19.03 -15.51 -0.98
N GLY B 147 -19.75 -14.48 -1.39
CA GLY B 147 -19.77 -14.07 -2.79
C GLY B 147 -19.68 -12.56 -2.91
N THR B 148 -18.93 -12.08 -3.91
CA THR B 148 -18.79 -10.63 -4.09
C THR B 148 -20.16 -9.97 -4.16
N GLY B 149 -21.08 -10.57 -4.91
CA GLY B 149 -22.43 -10.05 -4.97
C GLY B 149 -22.44 -8.64 -5.54
N THR B 150 -23.17 -7.76 -4.88
CA THR B 150 -23.31 -6.38 -5.32
C THR B 150 -22.18 -5.48 -4.86
N MET B 151 -21.14 -6.03 -4.23
CA MET B 151 -20.00 -5.22 -3.86
C MET B 151 -19.44 -4.50 -5.08
N LEU B 152 -19.47 -5.16 -6.24
CA LEU B 152 -19.06 -4.49 -7.47
C LEU B 152 -20.04 -3.38 -7.84
N GLU B 153 -21.34 -3.68 -7.80
CA GLU B 153 -22.34 -2.65 -8.07
C GLU B 153 -22.20 -1.47 -7.11
N THR B 154 -21.81 -1.73 -5.87
CA THR B 154 -21.57 -0.64 -4.92
C THR B 154 -20.47 0.27 -5.42
N TYR B 155 -19.36 -0.30 -5.94
CA TYR B 155 -18.32 0.53 -6.50
C TYR B 155 -18.86 1.41 -7.62
N ARG B 156 -19.70 0.84 -8.49
CA ARG B 156 -20.32 1.64 -9.55
C ARG B 156 -21.18 2.75 -8.95
N PHE B 157 -21.92 2.45 -7.89
CA PHE B 157 -22.72 3.48 -7.24
C PHE B 157 -21.83 4.55 -6.63
N ARG B 158 -20.68 4.15 -6.08
CA ARG B 158 -19.76 5.13 -5.50
C ARG B 158 -19.14 5.99 -6.58
N ARG B 159 -18.88 5.43 -7.76
CA ARG B 159 -18.26 6.20 -8.83
C ARG B 159 -19.27 7.10 -9.53
N ILE B 160 -20.51 6.62 -9.71
CA ILE B 160 -21.53 7.43 -10.39
C ILE B 160 -21.77 8.72 -9.62
N LEU B 161 -22.07 8.61 -8.33
CA LEU B 161 -22.27 9.82 -7.53
C LEU B 161 -20.98 10.61 -7.40
N ALA B 162 -19.82 9.95 -7.49
CA ALA B 162 -18.55 10.64 -7.39
C ALA B 162 -18.29 11.49 -8.64
N ASP B 163 -18.46 10.88 -9.82
CA ASP B 163 -18.23 11.64 -11.06
C ASP B 163 -19.31 12.68 -11.28
N LYS B 164 -20.51 12.45 -10.75
CA LYS B 164 -21.59 13.40 -10.93
C LYS B 164 -21.42 14.65 -10.07
N TYR B 165 -20.69 14.56 -8.96
CA TYR B 165 -20.48 15.69 -8.07
C TYR B 165 -19.00 15.94 -7.74
N GLN B 166 -18.09 15.19 -8.35
CA GLN B 166 -16.66 15.39 -8.12
C GLN B 166 -16.32 15.23 -6.64
N VAL B 167 -16.99 14.29 -5.99
CA VAL B 167 -16.75 13.97 -4.59
C VAL B 167 -16.07 12.60 -4.51
N ASP B 168 -15.22 12.43 -3.51
CA ASP B 168 -14.52 11.18 -3.35
C ASP B 168 -15.52 10.03 -3.26
N PRO B 169 -15.39 8.99 -4.09
CA PRO B 169 -16.34 7.87 -3.98
C PRO B 169 -16.34 7.23 -2.60
N LYS B 170 -15.20 7.26 -1.90
CA LYS B 170 -15.17 6.70 -0.55
C LYS B 170 -16.17 7.38 0.38
N ASN B 171 -16.46 8.66 0.13
CA ASN B 171 -17.46 9.35 0.94
C ASN B 171 -18.86 8.82 0.68
N ILE B 172 -19.11 8.23 -0.49
CA ILE B 172 -20.43 7.70 -0.83
C ILE B 172 -20.69 6.44 -0.03
N ASN B 173 -21.43 6.58 1.07
CA ASN B 173 -21.79 5.46 1.92
C ASN B 173 -23.11 4.86 1.44
N GLY B 174 -23.37 3.63 1.86
CA GLY B 174 -24.57 2.91 1.53
C GLY B 174 -24.27 1.57 0.91
N TYR B 175 -25.30 0.94 0.36
CA TYR B 175 -25.15 -0.37 -0.27
C TYR B 175 -26.03 -0.45 -1.50
N VAL B 176 -25.61 -1.30 -2.44
CA VAL B 176 -26.45 -1.78 -3.52
C VAL B 176 -26.76 -3.24 -3.19
N LEU B 177 -28.04 -3.54 -3.06
CA LEU B 177 -28.49 -4.85 -2.63
C LEU B 177 -29.31 -5.52 -3.73
N GLY B 178 -29.54 -6.82 -3.56
CA GLY B 178 -30.27 -7.60 -4.53
C GLY B 178 -29.40 -8.66 -5.16
N GLU B 179 -29.67 -8.93 -6.43
CA GLU B 179 -28.93 -9.91 -7.20
C GLU B 179 -27.86 -9.22 -8.03
N HIS B 180 -26.70 -9.84 -8.12
CA HIS B 180 -25.59 -9.28 -8.89
C HIS B 180 -25.83 -9.54 -10.38
N GLY B 181 -25.82 -8.47 -11.18
CA GLY B 181 -26.05 -8.56 -12.60
C GLY B 181 -27.49 -8.28 -13.03
N ASN B 182 -28.44 -8.46 -12.13
CA ASN B 182 -29.85 -8.21 -12.44
C ASN B 182 -30.58 -7.97 -11.13
N ALA B 183 -31.65 -7.18 -11.20
CA ALA B 183 -32.49 -6.87 -10.05
C ALA B 183 -31.72 -6.19 -8.92
N ALA B 184 -30.57 -5.58 -9.23
CA ALA B 184 -29.78 -4.87 -8.24
C ALA B 184 -30.37 -3.48 -8.02
N PHE B 185 -30.64 -3.15 -6.75
CA PHE B 185 -31.23 -1.89 -6.38
C PHE B 185 -30.36 -1.18 -5.35
N VAL B 186 -30.43 0.15 -5.35
CA VAL B 186 -29.66 0.97 -4.42
C VAL B 186 -30.44 1.10 -3.11
N ALA B 187 -29.80 0.75 -2.00
CA ALA B 187 -30.41 0.87 -0.68
C ALA B 187 -30.28 2.31 -0.24
N TRP B 188 -31.17 3.15 -0.78
CA TRP B 188 -31.12 4.57 -0.47
C TRP B 188 -31.34 4.83 1.02
N SER B 189 -32.06 3.95 1.71
CA SER B 189 -32.30 4.12 3.14
C SER B 189 -31.05 3.96 3.97
N THR B 190 -29.98 3.43 3.39
CA THR B 190 -28.72 3.22 4.09
C THR B 190 -27.58 4.04 3.50
N THR B 191 -27.86 4.88 2.51
CA THR B 191 -26.85 5.65 1.81
C THR B 191 -26.60 6.99 2.50
N GLY B 192 -25.79 7.84 1.88
CA GLY B 192 -25.44 9.14 2.44
C GLY B 192 -24.01 9.53 2.13
N CYS B 193 -23.81 10.68 1.49
CA CYS B 193 -22.49 11.14 1.10
C CYS B 193 -21.87 12.07 2.14
N ALA B 194 -20.65 11.74 2.58
CA ALA B 194 -19.91 12.59 3.51
C ALA B 194 -20.77 12.96 4.73
N GLY B 195 -21.41 11.96 5.33
CA GLY B 195 -22.18 12.17 6.53
C GLY B 195 -23.58 12.73 6.31
N PHE B 196 -23.83 13.35 5.17
CA PHE B 196 -25.12 13.96 4.85
C PHE B 196 -25.81 13.20 3.73
N PRO B 197 -27.14 13.28 3.63
CA PRO B 197 -27.84 12.56 2.57
C PRO B 197 -27.33 12.92 1.18
N ILE B 198 -27.35 11.93 0.28
CA ILE B 198 -26.91 12.16 -1.09
C ILE B 198 -27.82 13.18 -1.77
N ASP B 199 -29.10 13.22 -1.39
CA ASP B 199 -30.01 14.18 -2.01
C ASP B 199 -29.62 15.61 -1.68
N ASP B 200 -28.93 15.82 -0.55
CA ASP B 200 -28.50 17.16 -0.17
C ASP B 200 -27.35 17.67 -1.03
N LEU B 201 -26.74 16.82 -1.85
CA LEU B 201 -25.65 17.27 -2.70
C LEU B 201 -26.13 18.35 -3.66
N ASP B 202 -27.35 18.20 -4.19
CA ASP B 202 -27.90 19.19 -5.11
C ASP B 202 -28.04 20.55 -4.43
N GLU B 203 -28.42 20.56 -3.15
CA GLU B 203 -28.53 21.83 -2.43
C GLU B 203 -27.16 22.40 -2.10
N TYR B 204 -26.20 21.53 -1.77
CA TYR B 204 -24.85 22.02 -1.47
C TYR B 204 -24.18 22.58 -2.71
N PHE B 205 -24.13 21.79 -3.78
CA PHE B 205 -23.50 22.23 -5.03
C PHE B 205 -24.41 23.11 -5.86
N HIS B 206 -25.67 23.28 -5.48
CA HIS B 206 -26.62 24.12 -6.20
C HIS B 206 -26.79 23.63 -7.65
N ARG B 207 -27.40 22.45 -7.76
CA ARG B 207 -27.66 21.82 -9.04
C ARG B 207 -29.13 22.01 -9.39
N THR B 208 -29.39 22.75 -10.48
CA THR B 208 -30.77 22.98 -10.91
C THR B 208 -31.48 21.66 -11.21
N GLU B 209 -30.83 20.80 -12.00
CA GLU B 209 -31.39 19.49 -12.32
C GLU B 209 -31.16 18.58 -11.11
N LYS B 210 -32.18 18.47 -10.26
CA LYS B 210 -32.06 17.69 -9.04
C LYS B 210 -31.74 16.23 -9.37
N LEU B 211 -31.18 15.53 -8.38
CA LEU B 211 -30.76 14.15 -8.57
C LEU B 211 -31.97 13.24 -8.70
N SER B 212 -32.05 12.52 -9.81
CA SER B 212 -33.11 11.55 -10.04
C SER B 212 -32.61 10.19 -9.60
N HIS B 213 -33.17 9.68 -8.49
CA HIS B 213 -32.72 8.39 -7.97
C HIS B 213 -32.87 7.30 -9.02
N GLU B 214 -34.01 7.28 -9.72
CA GLU B 214 -34.23 6.26 -10.73
C GLU B 214 -33.25 6.38 -11.89
N ALA B 215 -32.59 7.53 -12.03
CA ALA B 215 -31.65 7.71 -13.13
C ALA B 215 -30.33 6.99 -12.87
N VAL B 216 -29.84 7.02 -11.63
CA VAL B 216 -28.58 6.35 -11.32
C VAL B 216 -28.77 4.84 -11.24
N GLU B 217 -29.95 4.38 -10.83
CA GLU B 217 -30.22 2.95 -10.82
C GLU B 217 -30.16 2.39 -12.24
N GLN B 218 -30.80 3.07 -13.19
CA GLN B 218 -30.68 2.65 -14.59
C GLN B 218 -29.24 2.78 -15.07
N GLU B 219 -28.56 3.85 -14.69
CA GLU B 219 -27.15 4.01 -15.04
C GLU B 219 -26.30 2.90 -14.41
N LEU B 220 -26.66 2.47 -13.20
CA LEU B 220 -25.95 1.36 -12.57
C LEU B 220 -26.08 0.08 -13.38
N VAL B 221 -27.21 -0.10 -14.06
CA VAL B 221 -27.40 -1.26 -14.91
C VAL B 221 -26.88 -1.00 -16.33
N GLN B 222 -26.93 0.24 -16.80
CA GLN B 222 -26.42 0.56 -18.13
C GLN B 222 -24.91 0.50 -18.17
N VAL B 223 -24.26 0.97 -17.10
CA VAL B 223 -22.80 0.94 -17.07
C VAL B 223 -22.30 -0.49 -17.11
N ALA B 224 -23.03 -1.42 -16.49
CA ALA B 224 -22.62 -2.82 -16.53
C ALA B 224 -22.72 -3.39 -17.94
N TYR B 225 -23.78 -3.05 -18.66
CA TYR B 225 -23.92 -3.54 -20.03
C TYR B 225 -23.01 -2.82 -21.00
N ASP B 226 -22.69 -1.55 -20.73
CA ASP B 226 -21.82 -0.80 -21.62
C ASP B 226 -20.40 -1.37 -21.61
N VAL B 227 -19.86 -1.63 -20.41
CA VAL B 227 -18.51 -2.17 -20.31
C VAL B 227 -18.41 -3.51 -21.02
N ILE B 228 -19.37 -4.40 -20.77
CA ILE B 228 -19.33 -5.71 -21.40
C ILE B 228 -19.41 -5.58 -22.93
N ASN B 229 -20.20 -4.62 -23.41
CA ASN B 229 -20.32 -4.44 -24.85
C ASN B 229 -19.17 -3.63 -25.43
N LYS B 230 -18.61 -2.71 -24.65
CA LYS B 230 -17.52 -1.86 -25.12
C LYS B 230 -16.15 -2.46 -24.83
N LYS B 231 -15.95 -2.97 -23.61
CA LYS B 231 -14.68 -3.59 -23.26
C LYS B 231 -14.65 -5.09 -23.57
N GLY B 232 -15.81 -5.74 -23.61
CA GLY B 232 -15.90 -7.16 -23.86
C GLY B 232 -16.02 -8.00 -22.61
N PHE B 233 -15.72 -7.44 -21.44
CA PHE B 233 -15.80 -8.16 -20.18
C PHE B 233 -15.55 -7.17 -19.05
N THR B 234 -15.76 -7.64 -17.82
CA THR B 234 -15.55 -6.85 -16.62
C THR B 234 -14.70 -7.67 -15.65
N ASN B 235 -13.41 -7.33 -15.57
CA ASN B 235 -12.48 -8.05 -14.69
C ASN B 235 -11.72 -7.15 -13.73
N THR B 236 -11.68 -5.82 -13.95
CA THR B 236 -10.93 -4.94 -13.07
C THR B 236 -11.72 -4.63 -11.80
N GLY B 237 -12.96 -4.16 -11.94
CA GLY B 237 -13.74 -3.82 -10.76
C GLY B 237 -13.99 -5.01 -9.86
N ILE B 238 -14.38 -6.15 -10.46
CA ILE B 238 -14.67 -7.34 -9.68
C ILE B 238 -13.42 -7.84 -8.95
N ALA B 239 -12.25 -7.68 -9.55
CA ALA B 239 -11.01 -8.13 -8.91
C ALA B 239 -10.75 -7.34 -7.64
N MET B 240 -11.04 -6.04 -7.67
CA MET B 240 -10.84 -5.20 -6.47
C MET B 240 -11.82 -5.59 -5.38
N ALA B 241 -13.08 -5.87 -5.75
CA ALA B 241 -14.05 -6.29 -4.75
C ALA B 241 -13.62 -7.59 -4.08
N ALA B 242 -13.03 -8.50 -4.85
CA ALA B 242 -12.53 -9.75 -4.27
C ALA B 242 -11.40 -9.48 -3.30
N CYS B 243 -10.49 -8.56 -3.64
CA CYS B 243 -9.40 -8.21 -2.73
C CYS B 243 -9.94 -7.56 -1.46
N ARG B 244 -11.03 -6.79 -1.57
CA ARG B 244 -11.62 -6.19 -0.38
C ARG B 244 -12.07 -7.26 0.59
N PHE B 245 -12.76 -8.28 0.09
CA PHE B 245 -13.18 -9.36 0.97
C PHE B 245 -11.99 -10.18 1.45
N ILE B 246 -10.97 -10.35 0.61
CA ILE B 246 -9.76 -11.04 1.04
C ILE B 246 -9.11 -10.29 2.19
N LYS B 247 -9.09 -8.95 2.11
CA LYS B 247 -8.54 -8.16 3.20
C LYS B 247 -9.42 -8.23 4.44
N SER B 248 -10.74 -8.37 4.26
CA SER B 248 -11.63 -8.46 5.41
C SER B 248 -11.44 -9.75 6.19
N VAL B 249 -11.07 -10.83 5.51
CA VAL B 249 -10.89 -12.10 6.18
C VAL B 249 -9.45 -12.31 6.62
N LEU B 250 -8.49 -11.82 5.84
CA LEU B 250 -7.08 -11.99 6.19
C LEU B 250 -6.66 -11.05 7.30
N TYR B 251 -7.29 -9.89 7.40
CA TYR B 251 -6.98 -8.93 8.46
C TYR B 251 -8.03 -8.94 9.57
N ASP B 252 -8.99 -9.85 9.52
CA ASP B 252 -10.04 -9.97 10.54
C ASP B 252 -10.63 -8.59 10.83
N GLU B 253 -11.10 -7.94 9.76
CA GLU B 253 -11.57 -6.57 9.88
C GLU B 253 -12.98 -6.46 10.43
N HIS B 254 -13.77 -7.53 10.36
CA HIS B 254 -15.14 -7.52 10.85
C HIS B 254 -15.95 -6.42 10.15
N THR B 255 -15.81 -6.34 8.83
CA THR B 255 -16.46 -5.31 8.04
C THR B 255 -17.84 -5.76 7.61
N ILE B 256 -18.81 -4.85 7.71
CA ILE B 256 -20.17 -5.09 7.25
C ILE B 256 -20.25 -4.61 5.80
N LEU B 257 -20.18 -5.55 4.87
CA LEU B 257 -20.16 -5.27 3.44
C LEU B 257 -21.27 -6.05 2.75
N PRO B 258 -21.69 -5.59 1.56
CA PRO B 258 -22.74 -6.30 0.82
C PRO B 258 -22.17 -7.50 0.07
N CYS B 259 -22.46 -8.69 0.56
CA CYS B 259 -21.99 -9.93 -0.06
C CYS B 259 -23.16 -10.91 -0.17
N SER B 260 -23.09 -11.77 -1.18
CA SER B 260 -24.17 -12.72 -1.43
C SER B 260 -23.99 -13.98 -0.61
N ALA B 261 -25.10 -14.52 -0.12
CA ALA B 261 -25.11 -15.76 0.65
C ALA B 261 -26.56 -16.14 0.90
N VAL B 262 -26.77 -17.42 1.20
CA VAL B 262 -28.12 -17.94 1.39
C VAL B 262 -28.76 -17.23 2.57
N LEU B 263 -29.90 -16.57 2.31
CA LEU B 263 -30.62 -15.87 3.37
C LEU B 263 -31.31 -16.88 4.28
N GLU B 264 -31.35 -16.55 5.57
CA GLU B 264 -31.97 -17.43 6.56
C GLU B 264 -33.04 -16.68 7.35
N GLY B 265 -33.93 -15.99 6.64
CA GLY B 265 -35.02 -15.25 7.25
C GLY B 265 -34.91 -13.75 7.13
N GLU B 266 -33.81 -13.23 6.60
CA GLU B 266 -33.66 -11.79 6.46
C GLU B 266 -34.68 -11.25 5.47
N TYR B 267 -35.48 -10.28 5.92
CA TYR B 267 -36.53 -9.69 5.08
C TYR B 267 -37.54 -10.74 4.64
N GLY B 268 -37.71 -11.78 5.45
CA GLY B 268 -38.64 -12.84 5.11
C GLY B 268 -38.25 -13.66 3.90
N ILE B 269 -37.02 -13.49 3.39
CA ILE B 269 -36.56 -14.21 2.22
C ILE B 269 -35.75 -15.41 2.68
N LYS B 270 -36.04 -16.57 2.11
CA LYS B 270 -35.37 -17.81 2.47
C LYS B 270 -35.24 -18.68 1.22
N ASP B 271 -34.30 -19.63 1.29
CA ASP B 271 -34.05 -20.58 0.21
C ASP B 271 -33.48 -19.92 -1.04
N VAL B 272 -32.83 -18.77 -0.89
CA VAL B 272 -32.20 -18.08 -2.00
C VAL B 272 -31.01 -17.30 -1.47
N ALA B 273 -30.04 -17.04 -2.35
CA ALA B 273 -28.83 -16.30 -1.99
C ALA B 273 -28.91 -14.91 -2.59
N LEU B 274 -28.79 -13.89 -1.75
CA LEU B 274 -28.82 -12.51 -2.19
C LEU B 274 -27.81 -11.70 -1.39
N SER B 275 -27.50 -10.52 -1.91
CA SER B 275 -26.48 -9.65 -1.32
C SER B 275 -27.14 -8.74 -0.30
N ILE B 276 -26.82 -8.94 0.98
CA ILE B 276 -27.34 -8.10 2.05
C ILE B 276 -26.19 -7.76 2.98
N PRO B 277 -26.35 -6.73 3.81
CA PRO B 277 -25.27 -6.36 4.74
C PRO B 277 -24.90 -7.52 5.65
N ARG B 278 -23.66 -7.98 5.53
CA ARG B 278 -23.13 -9.07 6.34
C ARG B 278 -21.76 -8.71 6.87
N MET B 279 -21.49 -9.08 8.12
CA MET B 279 -20.20 -8.80 8.74
C MET B 279 -19.20 -9.89 8.34
N VAL B 280 -18.11 -9.49 7.71
CA VAL B 280 -17.08 -10.41 7.24
C VAL B 280 -15.93 -10.40 8.23
N CYS B 281 -15.69 -11.53 8.87
CA CYS B 281 -14.61 -11.72 9.83
C CYS B 281 -13.58 -12.69 9.24
N ALA B 282 -12.56 -12.99 10.04
CA ALA B 282 -11.55 -13.96 9.61
C ALA B 282 -12.17 -15.32 9.35
N ASP B 283 -13.23 -15.67 10.08
CA ASP B 283 -13.97 -16.92 9.88
C ASP B 283 -15.13 -16.76 8.91
N GLY B 284 -15.05 -15.81 7.98
CA GLY B 284 -16.11 -15.62 7.03
C GLY B 284 -17.22 -14.71 7.55
N ILE B 285 -18.47 -15.07 7.28
CA ILE B 285 -19.61 -14.27 7.70
C ILE B 285 -19.94 -14.63 9.14
N MET B 286 -19.80 -13.66 10.06
CA MET B 286 -20.15 -13.91 11.45
C MET B 286 -21.65 -13.78 11.68
N ARG B 287 -22.27 -12.78 11.05
CA ARG B 287 -23.70 -12.58 11.19
C ARG B 287 -24.15 -11.64 10.08
N SER B 288 -25.47 -11.46 10.00
CA SER B 288 -26.09 -10.59 9.02
C SER B 288 -26.72 -9.39 9.71
N PHE B 289 -26.80 -8.28 8.99
CA PHE B 289 -27.39 -7.05 9.51
C PHE B 289 -28.59 -6.70 8.63
N GLU B 290 -29.79 -6.98 9.13
CA GLU B 290 -31.03 -6.73 8.39
C GLU B 290 -31.39 -5.26 8.55
N VAL B 291 -30.81 -4.43 7.69
CA VAL B 291 -31.10 -3.00 7.72
C VAL B 291 -32.58 -2.77 7.46
N HIS B 292 -33.08 -1.63 7.92
CA HIS B 292 -34.50 -1.28 7.78
C HIS B 292 -34.73 -0.75 6.37
N LEU B 293 -34.97 -1.66 5.43
CA LEU B 293 -35.26 -1.27 4.06
C LEU B 293 -36.67 -0.67 3.94
N THR B 294 -36.79 0.43 3.22
CA THR B 294 -38.08 1.07 3.04
C THR B 294 -39.02 0.15 2.25
N ASP B 295 -40.27 0.60 2.09
CA ASP B 295 -41.26 -0.23 1.40
C ASP B 295 -40.84 -0.52 -0.03
N ASP B 296 -40.33 0.49 -0.73
CA ASP B 296 -39.91 0.28 -2.12
C ASP B 296 -38.70 -0.64 -2.20
N GLU B 297 -37.71 -0.44 -1.32
CA GLU B 297 -36.51 -1.26 -1.33
C GLU B 297 -36.82 -2.71 -0.97
N LEU B 298 -37.75 -2.91 -0.02
CA LEU B 298 -38.11 -4.26 0.37
C LEU B 298 -38.69 -5.03 -0.81
N GLU B 299 -39.51 -4.38 -1.63
CA GLU B 299 -40.02 -5.04 -2.83
C GLU B 299 -38.89 -5.37 -3.78
N LYS B 300 -37.92 -4.47 -3.93
CA LYS B 300 -36.76 -4.75 -4.76
C LYS B 300 -35.95 -5.91 -4.21
N MET B 301 -35.86 -6.01 -2.88
CA MET B 301 -35.19 -7.15 -2.27
C MET B 301 -35.96 -8.44 -2.53
N HIS B 302 -37.28 -8.37 -2.57
CA HIS B 302 -38.09 -9.54 -2.85
C HIS B 302 -38.11 -9.85 -4.34
N LYS B 303 -38.16 -8.82 -5.18
CA LYS B 303 -38.12 -9.05 -6.62
C LYS B 303 -36.82 -9.74 -7.02
N ALA B 304 -35.71 -9.37 -6.37
CA ALA B 304 -34.44 -10.06 -6.64
C ALA B 304 -34.52 -11.53 -6.25
N ALA B 305 -35.21 -11.83 -5.15
CA ALA B 305 -35.39 -13.22 -4.75
C ALA B 305 -36.23 -13.98 -5.76
N GLN B 306 -37.21 -13.32 -6.38
CA GLN B 306 -38.03 -13.98 -7.40
C GLN B 306 -37.20 -14.35 -8.62
N SER B 307 -36.24 -13.51 -8.98
CA SER B 307 -35.39 -13.83 -10.12
C SER B 307 -34.40 -14.94 -9.78
N VAL B 308 -33.84 -14.91 -8.57
CA VAL B 308 -32.90 -15.95 -8.16
C VAL B 308 -33.62 -17.29 -8.03
N ARG B 309 -34.75 -17.31 -7.30
CA ARG B 309 -35.49 -18.56 -7.16
C ARG B 309 -35.93 -19.09 -8.52
N SER B 310 -36.32 -18.19 -9.43
CA SER B 310 -36.69 -18.62 -10.77
C SER B 310 -35.51 -19.28 -11.49
N ALA B 311 -34.31 -18.74 -11.30
CA ALA B 311 -33.13 -19.35 -11.91
C ALA B 311 -32.81 -20.70 -11.28
N LEU B 312 -32.93 -20.79 -9.95
CA LEU B 312 -32.69 -22.06 -9.27
C LEU B 312 -33.70 -23.11 -9.70
N ASP B 313 -34.98 -22.71 -9.83
CA ASP B 313 -36.00 -23.65 -10.27
C ASP B 313 -35.79 -24.09 -11.71
N GLY B 314 -35.26 -23.20 -12.55
CA GLY B 314 -35.01 -23.55 -13.94
C GLY B 314 -33.88 -24.55 -14.11
N ALA B 315 -32.95 -24.60 -13.16
CA ALA B 315 -31.82 -25.52 -13.24
C ALA B 315 -32.30 -26.97 -13.12
N MET C 1 2.63 25.27 -8.85
CA MET C 1 3.05 23.89 -9.21
C MET C 1 1.85 22.96 -9.24
N ASN C 2 2.10 21.69 -9.58
CA ASN C 2 1.06 20.68 -9.67
C ASN C 2 1.33 19.59 -8.65
N ASN C 3 0.36 19.37 -7.77
CA ASN C 3 0.46 18.34 -6.73
C ASN C 3 -0.09 17.01 -7.19
N ARG C 4 -0.60 16.92 -8.42
CA ARG C 4 -1.12 15.68 -8.96
C ARG C 4 -0.21 15.15 -10.05
N ARG C 5 -0.24 13.84 -10.25
CA ARG C 5 0.53 13.17 -11.29
C ARG C 5 -0.42 12.57 -12.30
N LYS C 6 -0.18 12.86 -13.58
CA LYS C 6 -1.02 12.40 -14.68
C LYS C 6 -0.21 11.49 -15.59
N ILE C 7 -0.72 10.29 -15.84
CA ILE C 7 -0.10 9.33 -16.73
C ILE C 7 -1.09 8.96 -17.82
N VAL C 8 -0.59 8.81 -19.05
CA VAL C 8 -1.40 8.45 -20.20
C VAL C 8 -0.94 7.09 -20.71
N VAL C 9 -1.90 6.25 -21.06
CA VAL C 9 -1.65 4.89 -21.54
C VAL C 9 -2.25 4.78 -22.93
N ILE C 10 -1.41 4.86 -23.95
CA ILE C 10 -1.86 4.71 -25.33
C ILE C 10 -2.00 3.22 -25.64
N GLY C 11 -3.18 2.82 -26.11
CA GLY C 11 -3.46 1.41 -26.31
C GLY C 11 -3.97 0.74 -25.06
N ALA C 12 -5.19 0.21 -25.11
CA ALA C 12 -5.86 -0.36 -23.94
C ALA C 12 -5.98 -1.87 -24.02
N SER C 13 -5.20 -2.52 -24.88
CA SER C 13 -5.25 -3.97 -25.05
C SER C 13 -4.70 -4.60 -23.76
N ASN C 14 -4.45 -5.92 -23.80
CA ASN C 14 -4.00 -6.63 -22.60
C ASN C 14 -2.88 -5.87 -21.89
N VAL C 15 -1.76 -5.67 -22.56
CA VAL C 15 -0.61 -5.03 -21.93
C VAL C 15 -0.99 -3.64 -21.41
N GLY C 16 -1.64 -2.85 -22.25
CA GLY C 16 -2.05 -1.51 -21.84
C GLY C 16 -2.88 -1.53 -20.57
N SER C 17 -3.89 -2.39 -20.51
CA SER C 17 -4.75 -2.47 -19.34
C SER C 17 -3.97 -2.95 -18.13
N ALA C 18 -3.08 -3.92 -18.33
CA ALA C 18 -2.27 -4.45 -17.23
C ALA C 18 -1.39 -3.33 -16.65
N VAL C 19 -0.92 -2.43 -17.51
CA VAL C 19 -0.06 -1.33 -17.06
C VAL C 19 -0.89 -0.31 -16.30
N ALA C 20 -2.10 -0.03 -16.79
CA ALA C 20 -2.92 1.00 -16.18
C ALA C 20 -3.46 0.52 -14.84
N ASN C 21 -3.91 -0.73 -14.79
CA ASN C 21 -4.44 -1.29 -13.55
C ASN C 21 -3.36 -1.35 -12.48
N LYS C 22 -2.17 -1.82 -12.83
CA LYS C 22 -1.09 -1.85 -11.85
C LYS C 22 -0.71 -0.46 -11.39
N ILE C 23 -0.78 0.53 -12.30
CA ILE C 23 -0.55 1.92 -11.90
C ILE C 23 -1.59 2.36 -10.89
N ALA C 24 -2.81 1.81 -11.00
CA ALA C 24 -3.86 2.14 -10.04
C ALA C 24 -3.70 1.34 -8.75
N ASP C 25 -3.31 0.06 -8.86
CA ASP C 25 -3.09 -0.77 -7.68
C ASP C 25 -1.98 -0.18 -6.81
N PHE C 26 -0.88 0.21 -7.44
CA PHE C 26 0.24 0.82 -6.73
C PHE C 26 0.02 2.31 -6.46
N GLN C 27 -0.99 2.92 -7.05
CA GLN C 27 -1.29 4.34 -6.84
C GLN C 27 -0.09 5.19 -7.26
N LEU C 28 0.26 5.06 -8.54
CA LEU C 28 1.40 5.78 -9.11
C LEU C 28 0.96 6.96 -9.96
N ALA C 29 -0.29 7.38 -9.83
CA ALA C 29 -0.79 8.49 -10.63
C ALA C 29 -2.12 8.96 -10.05
N THR C 30 -2.42 10.23 -10.30
CA THR C 30 -3.68 10.83 -9.87
C THR C 30 -4.75 10.71 -10.95
N GLU C 31 -4.34 10.70 -12.21
CA GLU C 31 -5.26 10.62 -13.35
C GLU C 31 -4.64 9.73 -14.41
N VAL C 32 -5.35 8.68 -14.81
CA VAL C 32 -4.91 7.74 -15.84
C VAL C 32 -5.81 7.91 -17.04
N VAL C 33 -5.22 8.16 -18.21
CA VAL C 33 -5.96 8.36 -19.45
C VAL C 33 -5.60 7.21 -20.38
N LEU C 34 -6.63 6.51 -20.88
CA LEU C 34 -6.47 5.40 -21.80
C LEU C 34 -6.88 5.87 -23.19
N ILE C 35 -5.90 6.06 -24.06
CA ILE C 35 -6.12 6.50 -25.43
C ILE C 35 -5.97 5.29 -26.34
N ASP C 36 -6.91 5.12 -27.27
CA ASP C 36 -6.88 4.01 -28.20
C ASP C 36 -7.88 4.28 -29.31
N LEU C 37 -7.58 3.78 -30.51
CA LEU C 37 -8.48 3.97 -31.64
C LEU C 37 -9.83 3.35 -31.33
N ASN C 38 -9.84 2.22 -30.62
CA ASN C 38 -11.08 1.57 -30.19
C ASN C 38 -11.55 2.28 -28.91
N GLU C 39 -12.18 3.43 -29.10
CA GLU C 39 -12.62 4.23 -27.97
C GLU C 39 -13.55 3.44 -27.06
N ASP C 40 -14.38 2.57 -27.64
CA ASP C 40 -15.24 1.71 -26.84
C ASP C 40 -14.44 0.94 -25.80
N LYS C 41 -13.39 0.23 -26.24
CA LYS C 41 -12.67 -0.62 -25.30
C LYS C 41 -11.81 0.20 -24.33
N ALA C 42 -11.36 1.37 -24.75
CA ALA C 42 -10.61 2.22 -23.83
C ALA C 42 -11.55 2.78 -22.76
N TRP C 43 -12.75 3.20 -23.17
CA TRP C 43 -13.73 3.70 -22.21
C TRP C 43 -14.11 2.63 -21.20
N GLY C 44 -14.39 1.41 -21.69
CA GLY C 44 -14.75 0.33 -20.78
C GLY C 44 -13.62 -0.02 -19.83
N GLU C 45 -12.39 -0.10 -20.36
CA GLU C 45 -11.24 -0.37 -19.49
C GLU C 45 -11.07 0.72 -18.45
N ALA C 46 -11.23 1.98 -18.85
CA ALA C 46 -11.14 3.07 -17.89
C ALA C 46 -12.33 3.09 -16.95
N LYS C 47 -13.53 2.89 -17.47
CA LYS C 47 -14.71 2.85 -16.62
C LYS C 47 -14.64 1.68 -15.64
N ASP C 48 -14.21 0.51 -16.11
CA ASP C 48 -14.05 -0.63 -15.21
C ASP C 48 -12.98 -0.35 -14.17
N SER C 49 -11.92 0.35 -14.57
CA SER C 49 -10.87 0.70 -13.61
C SER C 49 -11.37 1.73 -12.62
N SER C 50 -12.20 2.68 -13.08
CA SER C 50 -12.74 3.69 -12.18
C SER C 50 -13.54 3.05 -11.05
N HIS C 51 -14.16 1.90 -11.31
CA HIS C 51 -14.89 1.21 -10.25
C HIS C 51 -13.94 0.61 -9.21
N ALA C 52 -12.81 0.07 -9.67
CA ALA C 52 -11.84 -0.49 -8.73
C ALA C 52 -11.25 0.61 -7.84
N THR C 53 -11.00 1.79 -8.43
CA THR C 53 -10.47 2.91 -7.66
C THR C 53 -11.50 3.49 -6.70
N SER C 54 -12.76 3.07 -6.79
CA SER C 54 -13.80 3.54 -5.90
C SER C 54 -13.76 2.77 -4.57
N ILE C 56 -12.25 1.24 -0.84
CA ILE C 56 -11.85 1.85 0.42
C ILE C 56 -10.33 1.94 0.54
N TYR C 57 -9.63 0.99 -0.09
CA TYR C 57 -8.18 0.93 -0.01
C TYR C 57 -7.52 1.49 -1.27
N SER C 58 -8.31 2.07 -2.18
CA SER C 58 -7.81 2.64 -3.42
C SER C 58 -8.04 4.15 -3.44
N THR C 59 -6.97 4.92 -3.67
CA THR C 59 -7.12 6.35 -3.80
C THR C 59 -8.07 6.63 -4.96
N ASN C 60 -8.62 7.85 -4.99
CA ASN C 60 -9.56 8.25 -6.03
C ASN C 60 -8.77 8.60 -7.29
N ILE C 61 -8.34 7.58 -8.02
CA ILE C 61 -7.60 7.78 -9.26
C ILE C 61 -8.60 7.99 -10.39
N LYS C 62 -8.47 9.11 -11.10
CA LYS C 62 -9.40 9.50 -12.14
C LYS C 62 -9.12 8.71 -13.41
N PHE C 63 -9.97 7.73 -13.71
CA PHE C 63 -9.86 6.92 -14.92
C PHE C 63 -10.95 7.32 -15.90
N HIS C 64 -10.57 7.62 -17.13
CA HIS C 64 -11.53 8.05 -18.14
C HIS C 64 -10.87 8.01 -19.50
N LEU C 65 -11.71 7.90 -20.53
CA LEU C 65 -11.23 7.94 -21.91
C LEU C 65 -10.87 9.37 -22.27
N GLY C 66 -9.72 9.53 -22.93
CA GLY C 66 -9.25 10.84 -23.33
C GLY C 66 -8.66 10.81 -24.72
N ASP C 67 -8.22 11.98 -25.18
CA ASP C 67 -7.60 12.13 -26.48
C ASP C 67 -6.15 12.58 -26.29
N TYR C 68 -5.49 12.89 -27.41
CA TYR C 68 -4.10 13.34 -27.33
C TYR C 68 -3.96 14.67 -26.61
N GLU C 69 -5.06 15.40 -26.41
CA GLU C 69 -4.98 16.64 -25.65
C GLU C 69 -4.63 16.38 -24.19
N ASP C 70 -4.87 15.16 -23.70
CA ASP C 70 -4.51 14.83 -22.32
C ASP C 70 -3.00 14.73 -22.13
N CYS C 71 -2.26 14.46 -23.20
CA CYS C 71 -0.80 14.40 -23.09
C CYS C 71 -0.17 15.76 -22.82
N LYS C 72 -0.95 16.85 -22.87
CA LYS C 72 -0.37 18.17 -22.66
C LYS C 72 0.22 18.28 -21.25
N ASP C 73 -0.54 17.89 -20.23
CA ASP C 73 -0.07 17.92 -18.86
C ASP C 73 0.17 16.51 -18.30
N ALA C 74 0.40 15.54 -19.18
CA ALA C 74 0.69 14.17 -18.75
C ALA C 74 2.13 14.09 -18.26
N ASN C 75 2.30 13.56 -17.05
CA ASN C 75 3.65 13.41 -16.50
C ASN C 75 4.40 12.29 -17.22
N ILE C 76 3.72 11.18 -17.50
CA ILE C 76 4.32 10.05 -18.20
C ILE C 76 3.32 9.56 -19.24
N ILE C 77 3.84 9.10 -20.38
CA ILE C 77 3.02 8.60 -21.48
C ILE C 77 3.60 7.25 -21.89
N VAL C 78 2.95 6.16 -21.44
CA VAL C 78 3.37 4.82 -21.85
C VAL C 78 2.70 4.51 -23.19
N ILE C 79 3.38 3.74 -24.04
CA ILE C 79 2.85 3.40 -25.36
C ILE C 79 2.77 1.88 -25.49
N THR C 80 1.58 1.34 -25.25
CA THR C 80 1.32 -0.10 -25.36
C THR C 80 0.54 -0.43 -26.63
N ALA C 81 0.67 0.41 -27.66
CA ALA C 81 -0.01 0.22 -28.93
C ALA C 81 0.74 -0.74 -29.84
N LEU C 96 6.08 -6.55 -40.83
CA LEU C 96 6.04 -6.86 -39.41
C LEU C 96 6.43 -5.63 -38.57
N ALA C 97 7.72 -5.28 -38.61
CA ALA C 97 8.20 -4.11 -37.87
C ALA C 97 7.86 -2.79 -38.56
N GLY C 98 7.46 -2.83 -39.83
CA GLY C 98 7.12 -1.63 -40.56
C GLY C 98 5.77 -1.07 -40.18
N THR C 99 4.73 -1.91 -40.21
CA THR C 99 3.39 -1.44 -39.87
C THR C 99 3.36 -0.85 -38.47
N ASN C 100 4.12 -1.43 -37.53
CA ASN C 100 4.17 -0.89 -36.17
C ASN C 100 4.89 0.46 -36.16
N ALA C 101 5.91 0.63 -37.00
CA ALA C 101 6.59 1.91 -37.08
C ALA C 101 5.64 3.00 -37.55
N LYS C 102 4.66 2.66 -38.40
CA LYS C 102 3.67 3.65 -38.81
C LYS C 102 2.77 4.05 -37.66
N ILE C 103 2.45 3.09 -36.78
CA ILE C 103 1.64 3.40 -35.61
C ILE C 103 2.41 4.29 -34.65
N MET C 104 3.68 3.94 -34.39
CA MET C 104 4.50 4.75 -33.50
C MET C 104 4.72 6.15 -34.05
N SER C 105 4.88 6.26 -35.38
CA SER C 105 5.09 7.56 -35.99
C SER C 105 3.83 8.41 -35.94
N SER C 106 2.65 7.78 -36.03
CA SER C 106 1.40 8.53 -36.01
C SER C 106 1.06 8.99 -34.59
N VAL C 107 1.16 8.07 -33.62
CA VAL C 107 0.84 8.45 -32.24
C VAL C 107 1.86 9.44 -31.71
N MET C 108 3.14 9.25 -32.05
CA MET C 108 4.17 10.17 -31.57
C MET C 108 4.03 11.54 -32.22
N GLY C 109 3.69 11.58 -33.51
CA GLY C 109 3.46 12.87 -34.15
C GLY C 109 2.39 13.68 -33.46
N GLU C 110 1.41 13.01 -32.83
CA GLU C 110 0.37 13.70 -32.09
C GLU C 110 0.84 14.10 -30.69
N ILE C 111 1.73 13.30 -30.08
CA ILE C 111 2.23 13.64 -28.76
C ILE C 111 3.13 14.87 -28.84
N VAL C 112 4.13 14.84 -29.72
CA VAL C 112 5.03 15.97 -29.88
C VAL C 112 4.28 17.22 -30.30
N LYS C 113 3.10 17.07 -30.91
CA LYS C 113 2.31 18.20 -31.36
C LYS C 113 1.62 18.93 -30.21
N ARG C 114 1.61 18.35 -29.00
CA ARG C 114 0.92 18.94 -27.87
C ARG C 114 1.72 18.98 -26.58
N THR C 115 2.83 18.22 -26.47
CA THR C 115 3.63 18.22 -25.26
C THR C 115 5.09 18.03 -25.61
N LYS C 116 5.97 18.38 -24.67
CA LYS C 116 7.40 18.22 -24.88
C LYS C 116 8.16 17.97 -23.58
N GLU C 117 7.47 17.54 -22.51
CA GLU C 117 8.12 17.32 -21.22
C GLU C 117 7.64 16.05 -20.54
N ALA C 118 6.88 15.20 -21.23
CA ALA C 118 6.34 13.98 -20.62
C ALA C 118 7.28 12.82 -20.86
N MET C 119 7.58 12.07 -19.80
CA MET C 119 8.41 10.89 -19.94
C MET C 119 7.65 9.84 -20.75
N ILE C 120 8.30 9.32 -21.79
CA ILE C 120 7.68 8.38 -22.71
C ILE C 120 8.27 7.00 -22.46
N ILE C 121 7.40 6.04 -22.16
CA ILE C 121 7.79 4.64 -21.98
C ILE C 121 7.24 3.84 -23.15
N MET C 122 8.08 3.00 -23.73
CA MET C 122 7.72 2.22 -24.90
C MET C 122 7.54 0.76 -24.51
N ILE C 123 6.46 0.15 -24.99
CA ILE C 123 6.19 -1.26 -24.76
C ILE C 123 5.76 -1.97 -26.03
N THR C 124 5.36 -1.24 -27.07
CA THR C 124 4.93 -1.84 -28.32
C THR C 124 6.04 -2.70 -28.92
N ASN C 125 5.64 -3.73 -29.66
CA ASN C 125 6.59 -4.64 -30.27
C ASN C 125 6.74 -4.35 -31.76
N PRO C 126 7.95 -4.47 -32.33
CA PRO C 126 9.23 -4.79 -31.69
C PRO C 126 9.68 -3.68 -30.75
N LEU C 127 10.12 -4.04 -29.54
CA LEU C 127 10.46 -3.03 -28.55
C LEU C 127 11.64 -2.19 -29.02
N ASP C 128 12.68 -2.84 -29.52
CA ASP C 128 13.87 -2.11 -29.97
C ASP C 128 13.55 -1.22 -31.17
N VAL C 129 12.70 -1.69 -32.08
CA VAL C 129 12.35 -0.91 -33.26
C VAL C 129 11.41 0.23 -32.88
N ALA C 130 10.35 -0.08 -32.14
CA ALA C 130 9.39 0.94 -31.76
C ALA C 130 10.06 2.05 -30.94
N THR C 131 11.04 1.68 -30.11
CA THR C 131 11.73 2.68 -29.30
C THR C 131 12.61 3.57 -30.17
N TYR C 132 13.22 3.00 -31.21
CA TYR C 132 14.08 3.78 -32.10
C TYR C 132 13.26 4.63 -33.07
N VAL C 133 12.05 4.19 -33.42
CA VAL C 133 11.22 4.96 -34.34
C VAL C 133 10.76 6.26 -33.71
N VAL C 134 10.37 6.21 -32.43
CA VAL C 134 9.87 7.41 -31.76
C VAL C 134 11.00 8.33 -31.33
N SER C 135 12.24 7.84 -31.26
CA SER C 135 13.37 8.64 -30.79
C SER C 135 14.27 9.11 -31.93
N THR C 136 13.76 9.11 -33.16
CA THR C 136 14.55 9.53 -34.31
C THR C 136 13.78 10.39 -35.32
N GLN C 137 12.49 10.15 -35.52
CA GLN C 137 11.70 10.89 -36.49
C GLN C 137 11.04 12.13 -35.91
N PHE C 138 11.36 12.49 -34.67
CA PHE C 138 10.76 13.64 -34.02
C PHE C 138 11.80 14.34 -33.16
N ASP C 139 11.54 15.60 -32.86
CA ASP C 139 12.45 16.43 -32.08
C ASP C 139 12.11 16.43 -30.60
N TYR C 140 11.83 15.24 -30.04
CA TYR C 140 11.50 15.11 -28.64
C TYR C 140 12.79 14.92 -27.82
N PRO C 141 12.85 15.48 -26.61
CA PRO C 141 14.04 15.26 -25.76
C PRO C 141 14.35 13.78 -25.62
N ARG C 142 15.60 13.42 -25.92
CA ARG C 142 16.00 12.02 -25.88
C ARG C 142 15.89 11.44 -24.48
N ASN C 143 16.22 12.25 -23.46
CA ASN C 143 16.16 11.75 -22.09
C ASN C 143 14.75 11.30 -21.73
N LEU C 144 13.73 11.98 -22.23
CA LEU C 144 12.34 11.65 -21.90
C LEU C 144 11.82 10.43 -22.62
N ILE C 145 12.66 9.73 -23.38
CA ILE C 145 12.26 8.51 -24.07
C ILE C 145 12.80 7.32 -23.28
N LEU C 146 12.04 6.22 -23.29
CA LEU C 146 12.45 5.02 -22.57
C LEU C 146 11.70 3.82 -23.13
N GLY C 147 12.35 2.66 -23.08
CA GLY C 147 11.71 1.43 -23.50
C GLY C 147 11.96 0.32 -22.49
N THR C 148 10.89 -0.38 -22.11
CA THR C 148 11.04 -1.47 -21.15
C THR C 148 12.12 -2.43 -21.60
N GLY C 149 12.03 -2.90 -22.84
CA GLY C 149 13.09 -3.72 -23.40
C GLY C 149 13.26 -5.01 -22.62
N THR C 150 14.51 -5.27 -22.24
CA THR C 150 14.90 -6.51 -21.57
C THR C 150 14.63 -6.48 -20.07
N MET C 151 13.96 -5.45 -19.56
CA MET C 151 13.62 -5.44 -18.14
C MET C 151 12.78 -6.65 -17.77
N LEU C 152 11.81 -7.02 -18.63
CA LEU C 152 11.03 -8.21 -18.40
C LEU C 152 11.89 -9.46 -18.53
N GLU C 153 12.83 -9.47 -19.47
CA GLU C 153 13.72 -10.62 -19.60
C GLU C 153 14.50 -10.85 -18.31
N THR C 154 14.87 -9.78 -17.61
CA THR C 154 15.55 -9.92 -16.33
C THR C 154 14.63 -10.56 -15.29
N TYR C 155 13.36 -10.14 -15.25
CA TYR C 155 12.40 -10.77 -14.34
C TYR C 155 12.33 -12.27 -14.59
N ARG C 156 12.44 -12.68 -15.85
CA ARG C 156 12.44 -14.12 -16.16
C ARG C 156 13.71 -14.78 -15.66
N PHE C 157 14.87 -14.18 -15.94
CA PHE C 157 16.13 -14.73 -15.47
C PHE C 157 16.15 -14.87 -13.96
N ARG C 158 15.56 -13.91 -13.25
CA ARG C 158 15.51 -13.99 -11.79
C ARG C 158 14.56 -15.07 -11.33
N ARG C 159 13.45 -15.29 -12.06
CA ARG C 159 12.48 -16.30 -11.66
C ARG C 159 12.98 -17.71 -11.97
N ILE C 160 13.59 -17.90 -13.13
CA ILE C 160 14.11 -19.21 -13.48
C ILE C 160 15.12 -19.68 -12.44
N LEU C 161 16.07 -18.80 -12.10
CA LEU C 161 17.03 -19.15 -11.05
C LEU C 161 16.35 -19.23 -9.68
N ALA C 162 15.29 -18.45 -9.47
CA ALA C 162 14.56 -18.53 -8.21
C ALA C 162 13.85 -19.87 -8.07
N ASP C 163 13.15 -20.30 -9.12
CA ASP C 163 12.48 -21.59 -9.09
C ASP C 163 13.44 -22.75 -9.22
N LYS C 164 14.65 -22.51 -9.72
CA LYS C 164 15.63 -23.59 -9.89
C LYS C 164 16.27 -23.98 -8.55
N TYR C 165 16.43 -23.03 -7.64
CA TYR C 165 17.06 -23.29 -6.35
C TYR C 165 16.18 -22.85 -5.17
N GLN C 166 14.93 -22.46 -5.42
CA GLN C 166 14.02 -22.06 -4.36
C GLN C 166 14.57 -20.88 -3.57
N VAL C 167 15.21 -19.95 -4.26
CA VAL C 167 15.79 -18.76 -3.65
C VAL C 167 15.00 -17.54 -4.13
N ASP C 168 15.09 -16.46 -3.36
CA ASP C 168 14.40 -15.22 -3.73
C ASP C 168 14.87 -14.74 -5.10
N PRO C 169 13.96 -14.44 -6.03
CA PRO C 169 14.39 -13.91 -7.33
C PRO C 169 15.12 -12.59 -7.21
N LYS C 170 14.77 -11.78 -6.21
CA LYS C 170 15.45 -10.52 -6.00
C LYS C 170 16.95 -10.73 -5.77
N ASN C 171 17.32 -11.76 -5.00
CA ASN C 171 18.74 -12.07 -4.79
C ASN C 171 19.49 -12.06 -6.11
N ILE C 172 18.99 -12.80 -7.11
CA ILE C 172 19.62 -12.83 -8.43
C ILE C 172 19.86 -11.40 -8.88
N ASN C 173 21.05 -11.14 -9.41
CA ASN C 173 21.44 -9.81 -9.82
C ASN C 173 21.96 -9.85 -11.24
N GLY C 174 22.14 -8.67 -11.82
CA GLY C 174 22.64 -8.54 -13.19
C GLY C 174 21.50 -8.23 -14.14
N TYR C 175 21.84 -7.69 -15.30
CA TYR C 175 20.85 -7.30 -16.30
C TYR C 175 21.00 -8.12 -17.57
N VAL C 176 19.97 -8.88 -17.90
CA VAL C 176 19.93 -9.58 -19.17
C VAL C 176 19.79 -8.52 -20.25
N LEU C 177 20.66 -8.58 -21.26
CA LEU C 177 20.63 -7.56 -22.32
C LEU C 177 20.74 -8.20 -23.70
N PHE C 185 20.23 -11.74 -24.24
CA PHE C 185 21.24 -12.65 -23.69
C PHE C 185 21.56 -12.31 -22.25
N VAL C 186 21.80 -13.33 -21.44
CA VAL C 186 22.15 -13.13 -20.03
C VAL C 186 23.59 -12.63 -19.97
N ALA C 187 23.76 -11.36 -19.58
CA ALA C 187 25.10 -10.78 -19.44
C ALA C 187 25.74 -11.31 -18.16
N TRP C 188 26.15 -12.58 -18.22
CA TRP C 188 26.71 -13.26 -17.06
C TRP C 188 27.88 -12.50 -16.45
N SER C 189 28.56 -11.66 -17.22
CA SER C 189 29.70 -10.91 -16.70
C SER C 189 29.31 -9.89 -15.64
N THR C 190 28.02 -9.65 -15.43
CA THR C 190 27.55 -8.68 -14.43
C THR C 190 26.41 -9.24 -13.60
N THR C 191 26.35 -10.56 -13.43
CA THR C 191 25.30 -11.21 -12.67
C THR C 191 25.86 -11.72 -11.35
N GLY C 192 24.95 -12.19 -10.50
CA GLY C 192 25.32 -12.71 -9.19
C GLY C 192 24.11 -12.98 -8.33
N CYS C 193 24.23 -13.93 -7.41
CA CYS C 193 23.14 -14.32 -6.52
C CYS C 193 23.51 -13.90 -5.11
N ALA C 194 22.90 -12.82 -4.65
CA ALA C 194 23.09 -12.31 -3.28
C ALA C 194 24.56 -12.03 -2.98
N GLY C 195 25.37 -11.81 -4.01
CA GLY C 195 26.77 -11.46 -3.82
C GLY C 195 27.76 -12.59 -3.99
N PHE C 196 27.31 -13.81 -4.21
CA PHE C 196 28.18 -14.96 -4.39
C PHE C 196 27.94 -15.58 -5.76
N PRO C 197 28.88 -16.39 -6.26
CA PRO C 197 28.70 -16.99 -7.59
C PRO C 197 27.41 -17.78 -7.67
N ILE C 198 26.70 -17.61 -8.79
CA ILE C 198 25.43 -18.30 -8.98
C ILE C 198 25.67 -19.81 -9.09
N ASP C 199 26.82 -20.23 -9.61
CA ASP C 199 27.12 -21.64 -9.74
C ASP C 199 27.28 -22.35 -8.40
N ASP C 200 27.48 -21.59 -7.32
CA ASP C 200 27.64 -22.21 -6.00
C ASP C 200 26.35 -22.89 -5.54
N LEU C 201 25.20 -22.45 -6.04
CA LEU C 201 23.95 -23.08 -5.65
C LEU C 201 23.88 -24.53 -6.10
N ASP C 202 24.50 -24.87 -7.23
CA ASP C 202 24.53 -26.25 -7.67
C ASP C 202 25.30 -27.13 -6.71
N GLU C 203 26.25 -26.56 -5.97
CA GLU C 203 27.02 -27.32 -4.99
C GLU C 203 26.22 -27.53 -3.71
N TYR C 204 25.51 -26.49 -3.26
CA TYR C 204 24.71 -26.58 -2.04
C TYR C 204 23.63 -27.66 -2.16
N SER C 212 24.25 -25.70 -18.44
CA SER C 212 23.83 -24.89 -17.31
C SER C 212 23.57 -23.45 -17.73
N HIS C 213 24.65 -22.69 -17.93
CA HIS C 213 24.50 -21.29 -18.35
C HIS C 213 23.80 -21.20 -19.71
N GLU C 214 24.18 -22.07 -20.64
CA GLU C 214 23.52 -22.10 -21.94
C GLU C 214 22.14 -22.74 -21.88
N ALA C 215 21.89 -23.57 -20.86
CA ALA C 215 20.59 -24.21 -20.73
C ALA C 215 19.53 -23.24 -20.24
N VAL C 216 19.84 -22.47 -19.20
CA VAL C 216 18.88 -21.48 -18.70
C VAL C 216 18.59 -20.44 -19.77
N GLU C 217 19.58 -20.12 -20.61
CA GLU C 217 19.33 -19.19 -21.71
C GLU C 217 18.30 -19.76 -22.68
N GLN C 218 18.38 -21.05 -22.99
CA GLN C 218 17.35 -21.68 -23.81
C GLN C 218 16.01 -21.65 -23.10
N GLU C 219 16.00 -21.92 -21.79
CA GLU C 219 14.78 -21.80 -21.00
C GLU C 219 14.28 -20.36 -20.94
N LEU C 220 15.19 -19.38 -21.10
CA LEU C 220 14.80 -17.98 -21.05
C LEU C 220 13.99 -17.56 -22.27
N VAL C 221 14.12 -18.28 -23.38
CA VAL C 221 13.42 -17.96 -24.61
C VAL C 221 12.22 -18.88 -24.83
N GLN C 222 12.35 -20.15 -24.46
CA GLN C 222 11.24 -21.09 -24.63
C GLN C 222 10.08 -20.77 -23.68
N VAL C 223 10.39 -20.30 -22.47
CA VAL C 223 9.34 -19.98 -21.51
C VAL C 223 8.56 -18.75 -21.95
N ALA C 224 9.24 -17.77 -22.55
CA ALA C 224 8.55 -16.56 -23.00
C ALA C 224 7.48 -16.88 -24.03
N TYR C 225 7.76 -17.81 -24.94
CA TYR C 225 6.79 -18.20 -25.96
C TYR C 225 5.77 -19.20 -25.42
N ASP C 226 6.15 -20.01 -24.44
CA ASP C 226 5.21 -20.95 -23.84
C ASP C 226 4.05 -20.21 -23.17
N VAL C 227 4.36 -19.07 -22.54
CA VAL C 227 3.30 -18.26 -21.93
C VAL C 227 2.42 -17.64 -22.99
N ILE C 228 3.00 -17.28 -24.14
CA ILE C 228 2.22 -16.69 -25.23
C ILE C 228 1.29 -17.74 -25.84
N ASN C 229 1.77 -18.98 -25.96
CA ASN C 229 0.94 -20.03 -26.54
C ASN C 229 -0.02 -20.61 -25.52
N LYS C 230 0.32 -20.57 -24.24
CA LYS C 230 -0.54 -21.10 -23.19
C LYS C 230 -1.54 -20.05 -22.68
N LYS C 231 -1.08 -18.85 -22.37
CA LYS C 231 -1.95 -17.79 -21.87
C LYS C 231 -2.50 -16.91 -22.98
N GLY C 232 -1.85 -16.85 -24.13
CA GLY C 232 -2.28 -16.04 -25.24
C GLY C 232 -1.53 -14.74 -25.41
N PHE C 233 -0.86 -14.26 -24.37
CA PHE C 233 -0.09 -13.02 -24.42
C PHE C 233 0.65 -12.89 -23.08
N THR C 234 1.48 -11.84 -22.98
CA THR C 234 2.26 -11.56 -21.78
C THR C 234 2.03 -10.10 -21.41
N ASN C 235 1.14 -9.87 -20.44
CA ASN C 235 0.81 -8.52 -19.99
C ASN C 235 1.12 -8.29 -18.52
N THR C 236 1.14 -9.33 -17.69
CA THR C 236 1.39 -9.14 -16.26
C THR C 236 2.84 -8.77 -16.01
N GLY C 237 3.78 -9.53 -16.56
CA GLY C 237 5.19 -9.24 -16.33
C GLY C 237 5.61 -7.90 -16.90
N ILE C 238 5.23 -7.63 -18.15
CA ILE C 238 5.61 -6.36 -18.78
C ILE C 238 4.93 -5.18 -18.08
N ALA C 239 3.73 -5.39 -17.52
CA ALA C 239 3.05 -4.30 -16.84
C ALA C 239 3.83 -3.83 -15.62
N MET C 240 4.25 -4.77 -14.77
CA MET C 240 5.04 -4.38 -13.61
C MET C 240 6.38 -3.80 -14.03
N ALA C 241 6.95 -4.27 -15.14
CA ALA C 241 8.20 -3.72 -15.63
C ALA C 241 8.05 -2.22 -15.88
N ALA C 242 6.96 -1.82 -16.54
CA ALA C 242 6.71 -0.40 -16.73
C ALA C 242 6.56 0.31 -15.40
N CYS C 243 5.78 -0.28 -14.48
CA CYS C 243 5.63 0.30 -13.16
C CYS C 243 6.98 0.44 -12.45
N ARG C 244 7.88 -0.54 -12.66
CA ARG C 244 9.22 -0.43 -12.09
C ARG C 244 9.93 0.80 -12.63
N PHE C 245 9.73 1.14 -13.90
CA PHE C 245 10.30 2.35 -14.45
C PHE C 245 9.52 3.59 -14.03
N ILE C 246 8.19 3.45 -13.87
CA ILE C 246 7.38 4.56 -13.39
C ILE C 246 7.82 4.98 -12.00
N LYS C 247 8.03 4.00 -11.11
CA LYS C 247 8.49 4.32 -9.77
C LYS C 247 9.88 4.96 -9.79
N SER C 248 10.71 4.60 -10.77
CA SER C 248 12.05 5.15 -10.84
C SER C 248 12.03 6.63 -11.22
N VAL C 249 11.11 7.04 -12.07
CA VAL C 249 11.03 8.43 -12.50
C VAL C 249 10.21 9.26 -11.52
N LEU C 250 9.12 8.70 -10.98
CA LEU C 250 8.29 9.46 -10.06
C LEU C 250 8.97 9.66 -8.71
N TYR C 251 10.04 8.91 -8.42
CA TYR C 251 10.77 9.04 -7.17
C TYR C 251 12.21 9.48 -7.37
N ASP C 252 12.62 9.76 -8.60
CA ASP C 252 13.97 10.22 -8.88
C ASP C 252 14.99 9.33 -8.18
N GLU C 253 14.83 8.02 -8.38
CA GLU C 253 15.69 7.06 -7.68
C GLU C 253 17.06 6.92 -8.31
N HIS C 254 17.24 7.35 -9.55
CA HIS C 254 18.52 7.21 -10.25
C HIS C 254 18.95 5.75 -10.30
N THR C 255 17.98 4.84 -10.47
CA THR C 255 18.27 3.41 -10.51
C THR C 255 18.84 3.03 -11.87
N ILE C 256 19.95 2.29 -11.86
CA ILE C 256 20.58 1.83 -13.08
C ILE C 256 19.95 0.48 -13.42
N LEU C 257 19.02 0.50 -14.37
CA LEU C 257 18.29 -0.67 -14.81
C LEU C 257 18.40 -0.76 -16.33
N PRO C 258 18.26 -1.97 -16.90
CA PRO C 258 18.35 -2.12 -18.35
C PRO C 258 17.07 -1.66 -19.03
N CYS C 259 17.18 -0.62 -19.86
CA CYS C 259 16.04 -0.09 -20.58
C CYS C 259 16.45 0.19 -22.02
N SER C 260 15.53 -0.09 -22.95
CA SER C 260 15.79 0.12 -24.37
C SER C 260 15.70 1.60 -24.68
N ALA C 261 16.63 2.08 -25.51
CA ALA C 261 16.66 3.49 -25.91
C ALA C 261 17.68 3.62 -27.03
N VAL C 262 17.81 4.84 -27.56
CA VAL C 262 18.75 5.09 -28.65
C VAL C 262 20.16 4.76 -28.16
N LEU C 263 20.85 3.92 -28.92
CA LEU C 263 22.18 3.44 -28.56
C LEU C 263 23.24 4.24 -29.33
N GLU C 264 24.05 4.99 -28.59
CA GLU C 264 25.14 5.79 -29.17
C GLU C 264 26.43 5.41 -28.46
N GLY C 265 27.37 4.85 -29.21
CA GLY C 265 28.63 4.44 -28.64
C GLY C 265 28.59 3.04 -28.07
N GLU C 266 29.44 2.77 -27.10
CA GLU C 266 29.53 1.45 -26.45
C GLU C 266 29.25 0.29 -27.40
N ALA C 273 18.31 1.30 -31.65
CA ALA C 273 18.04 1.34 -30.22
C ALA C 273 18.15 -0.06 -29.61
N LEU C 274 18.71 -0.14 -28.41
CA LEU C 274 18.86 -1.42 -27.72
C LEU C 274 18.96 -1.16 -26.23
N SER C 275 18.78 -2.23 -25.45
CA SER C 275 18.77 -2.13 -24.00
C SER C 275 20.18 -2.22 -23.46
N ILE C 276 20.55 -1.27 -22.60
CA ILE C 276 21.84 -1.27 -21.93
C ILE C 276 21.64 -0.65 -20.55
N PRO C 277 22.58 -0.82 -19.63
CA PRO C 277 22.44 -0.21 -18.30
C PRO C 277 22.38 1.30 -18.40
N ARG C 278 21.27 1.88 -17.94
CA ARG C 278 21.09 3.31 -17.97
C ARG C 278 20.47 3.76 -16.66
N MET C 279 20.84 4.95 -16.22
CA MET C 279 20.32 5.51 -14.98
C MET C 279 18.98 6.18 -15.26
N VAL C 280 17.94 5.75 -14.53
CA VAL C 280 16.59 6.29 -14.71
C VAL C 280 16.25 7.25 -13.58
N ALA C 282 13.76 11.20 -12.58
CA ALA C 282 12.58 12.00 -12.91
C ALA C 282 12.70 12.70 -14.26
N ASP C 283 13.92 13.13 -14.60
CA ASP C 283 14.20 13.78 -15.87
C ASP C 283 14.45 12.78 -17.00
N GLY C 284 14.08 11.52 -16.81
CA GLY C 284 14.28 10.52 -17.85
C GLY C 284 15.63 9.83 -17.75
N ILE C 285 16.28 9.61 -18.88
CA ILE C 285 17.59 8.99 -18.92
C ILE C 285 18.63 10.08 -18.77
N MET C 286 19.29 10.12 -17.61
CA MET C 286 20.31 11.15 -17.35
C MET C 286 21.60 10.81 -18.07
N ARG C 287 22.17 9.64 -17.79
CA ARG C 287 23.42 9.20 -18.41
C ARG C 287 23.36 7.69 -18.64
N SER C 288 24.33 7.20 -19.40
CA SER C 288 24.45 5.79 -19.73
C SER C 288 25.66 5.17 -19.05
N PHE C 289 25.61 3.85 -18.87
CA PHE C 289 26.69 3.08 -18.25
C PHE C 289 27.17 2.04 -19.25
N GLU C 290 28.39 2.22 -19.75
CA GLU C 290 28.93 1.28 -20.73
C GLU C 290 29.02 -0.13 -20.14
N VAL C 291 29.77 -0.29 -19.07
CA VAL C 291 29.93 -1.60 -18.44
C VAL C 291 30.51 -2.60 -19.42
N LEU C 298 29.46 -10.08 -25.18
CA LEU C 298 29.73 -9.03 -26.17
C LEU C 298 29.27 -9.47 -27.56
N GLU C 299 29.44 -10.77 -27.87
CA GLU C 299 29.05 -11.27 -29.18
C GLU C 299 27.53 -11.17 -29.37
N LYS C 300 26.76 -11.57 -28.36
CA LYS C 300 25.32 -11.50 -28.46
C LYS C 300 24.83 -10.06 -28.57
N MET C 301 25.52 -9.12 -27.93
CA MET C 301 25.13 -7.71 -28.02
C MET C 301 25.24 -7.20 -29.46
N HIS C 302 26.34 -7.54 -30.14
CA HIS C 302 26.51 -7.11 -31.52
C HIS C 302 25.49 -7.76 -32.44
N LYS C 303 25.17 -9.04 -32.19
CA LYS C 303 24.16 -9.72 -33.01
C LYS C 303 22.80 -9.07 -32.86
N ALA C 304 22.45 -8.64 -31.65
CA ALA C 304 21.17 -7.97 -31.44
C ALA C 304 21.14 -6.63 -32.14
N ALA C 305 22.26 -5.88 -32.11
CA ALA C 305 22.31 -4.60 -32.80
C ALA C 305 22.15 -4.78 -34.30
N GLN C 306 22.75 -5.84 -34.85
CA GLN C 306 22.61 -6.11 -36.29
C GLN C 306 21.18 -6.48 -36.64
N SER C 307 20.52 -7.28 -35.78
CA SER C 307 19.14 -7.66 -36.06
C SER C 307 18.22 -6.46 -35.99
N VAL C 308 18.40 -5.59 -34.99
CA VAL C 308 17.57 -4.39 -34.89
C VAL C 308 17.86 -3.44 -36.05
N ARG C 309 19.13 -3.32 -36.44
CA ARG C 309 19.46 -2.46 -37.57
C ARG C 309 18.89 -3.02 -38.87
N SER C 310 18.94 -4.34 -39.05
CA SER C 310 18.37 -4.94 -40.26
C SER C 310 16.88 -4.68 -40.35
N ALA C 311 16.16 -4.76 -39.23
CA ALA C 311 14.74 -4.49 -39.22
C ALA C 311 14.45 -3.02 -39.50
N LEU C 312 15.30 -2.13 -38.99
CA LEU C 312 15.10 -0.70 -39.24
C LEU C 312 15.32 -0.37 -40.71
N ASP C 313 16.32 -0.99 -41.34
CA ASP C 313 16.57 -0.75 -42.76
C ASP C 313 15.42 -1.24 -43.61
N GLY C 314 14.82 -2.37 -43.24
CA GLY C 314 13.69 -2.89 -44.00
C GLY C 314 12.44 -2.05 -43.86
N ALA C 315 12.27 -1.37 -42.72
CA ALA C 315 11.10 -0.53 -42.50
C ALA C 315 11.21 0.77 -43.28
N ASN D 2 -6.03 -21.09 10.37
CA ASN D 2 -6.13 -19.74 10.91
C ASN D 2 -5.72 -18.70 9.87
N ASN D 3 -6.67 -17.86 9.45
CA ASN D 3 -6.42 -16.80 8.48
C ASN D 3 -5.95 -15.49 9.12
N ARG D 4 -5.38 -15.55 10.31
CA ARG D 4 -4.89 -14.38 11.03
C ARG D 4 -3.37 -14.44 11.16
N ARG D 5 -2.75 -13.26 11.30
CA ARG D 5 -1.31 -13.15 11.47
C ARG D 5 -1.05 -12.17 12.60
N LYS D 6 -0.55 -12.67 13.73
CA LYS D 6 -0.30 -11.86 14.90
C LYS D 6 1.20 -11.77 15.13
N ILE D 7 1.72 -10.55 15.18
CA ILE D 7 3.13 -10.28 15.42
C ILE D 7 3.25 -9.53 16.73
N VAL D 8 3.96 -10.11 17.69
CA VAL D 8 4.17 -9.50 19.00
C VAL D 8 5.46 -8.71 18.96
N VAL D 9 5.48 -7.59 19.69
CA VAL D 9 6.63 -6.69 19.75
C VAL D 9 6.93 -6.46 21.22
N ILE D 10 7.93 -7.15 21.76
CA ILE D 10 8.34 -6.96 23.14
C ILE D 10 9.19 -5.70 23.23
N GLY D 11 8.89 -4.85 24.22
CA GLY D 11 9.57 -3.58 24.35
C GLY D 11 8.91 -2.50 23.52
N ALA D 12 8.23 -1.56 24.18
CA ALA D 12 7.49 -0.51 23.48
C ALA D 12 8.17 0.84 23.62
N SER D 13 9.44 0.92 23.25
CA SER D 13 10.21 2.16 23.30
C SER D 13 10.29 2.73 21.88
N ASN D 14 11.30 3.57 21.63
CA ASN D 14 11.42 4.20 20.32
C ASN D 14 11.43 3.13 19.23
N VAL D 15 12.41 2.23 19.29
CA VAL D 15 12.53 1.19 18.27
C VAL D 15 11.28 0.32 18.28
N GLY D 16 10.73 0.05 19.47
CA GLY D 16 9.56 -0.79 19.58
C GLY D 16 8.36 -0.22 18.86
N SER D 17 8.16 1.10 18.98
CA SER D 17 7.02 1.74 18.34
C SER D 17 7.29 1.99 16.87
N ALA D 18 8.56 2.02 16.47
CA ALA D 18 8.89 2.16 15.06
C ALA D 18 8.61 0.86 14.33
N VAL D 19 8.87 -0.27 14.99
CA VAL D 19 8.64 -1.58 14.37
C VAL D 19 7.16 -1.86 14.27
N ALA D 20 6.40 -1.57 15.34
CA ALA D 20 4.97 -1.84 15.31
C ALA D 20 4.28 -0.91 14.32
N ASN D 21 4.62 0.39 14.34
CA ASN D 21 3.99 1.34 13.42
C ASN D 21 4.28 0.98 11.97
N LYS D 22 5.52 0.53 11.68
CA LYS D 22 5.84 0.13 10.32
C LYS D 22 5.09 -1.13 9.94
N ILE D 23 4.90 -2.05 10.90
CA ILE D 23 4.11 -3.24 10.61
C ILE D 23 2.68 -2.86 10.27
N ALA D 24 2.17 -1.80 10.89
CA ALA D 24 0.82 -1.35 10.58
C ALA D 24 0.80 -0.57 9.26
N ASP D 25 1.83 0.25 9.00
CA ASP D 25 1.88 0.98 7.74
C ASP D 25 1.97 0.02 6.55
N PHE D 26 2.85 -0.98 6.66
CA PHE D 26 2.97 -1.97 5.60
C PHE D 26 1.88 -3.03 5.68
N GLN D 27 1.16 -3.12 6.80
CA GLN D 27 0.09 -4.09 6.96
C GLN D 27 0.64 -5.51 6.82
N LEU D 28 1.50 -5.87 7.77
CA LEU D 28 2.16 -7.18 7.79
C LEU D 28 1.63 -8.06 8.90
N ALA D 29 0.55 -7.67 9.57
CA ALA D 29 0.01 -8.47 10.66
C ALA D 29 -1.44 -8.07 10.90
N THR D 30 -2.24 -9.05 11.32
CA THR D 30 -3.64 -8.81 11.65
C THR D 30 -3.79 -8.23 13.05
N GLU D 31 -2.92 -8.64 13.98
CA GLU D 31 -2.95 -8.16 15.35
C GLU D 31 -1.53 -7.90 15.82
N VAL D 32 -1.33 -6.76 16.47
CA VAL D 32 -0.03 -6.36 16.99
C VAL D 32 -0.16 -6.17 18.50
N VAL D 33 0.68 -6.86 19.26
CA VAL D 33 0.68 -6.78 20.71
C VAL D 33 2.00 -6.15 21.15
N LEU D 34 1.92 -5.20 22.07
CA LEU D 34 3.08 -4.49 22.60
C LEU D 34 3.29 -4.89 24.05
N ILE D 35 4.46 -5.46 24.35
CA ILE D 35 4.82 -5.87 25.70
C ILE D 35 5.94 -4.95 26.20
N ASP D 36 5.85 -4.57 27.47
CA ASP D 36 6.85 -3.69 28.07
C ASP D 36 6.58 -3.62 29.56
N LEU D 37 7.66 -3.40 30.33
CA LEU D 37 7.52 -3.25 31.77
C LEU D 37 6.58 -2.11 32.13
N ASN D 38 6.67 -1.01 31.37
CA ASN D 38 5.76 0.12 31.55
C ASN D 38 4.52 -0.14 30.72
N GLU D 39 3.57 -0.87 31.32
CA GLU D 39 2.34 -1.22 30.60
C GLU D 39 1.63 0.02 30.09
N ASP D 40 1.77 1.15 30.79
CA ASP D 40 1.17 2.39 30.30
C ASP D 40 1.73 2.78 28.95
N LYS D 41 3.04 2.61 28.75
CA LYS D 41 3.65 2.95 27.47
C LYS D 41 3.14 2.04 26.36
N ALA D 42 3.07 0.73 26.63
CA ALA D 42 2.59 -0.21 25.62
C ALA D 42 1.13 0.04 25.29
N TRP D 43 0.31 0.28 26.30
CA TRP D 43 -1.10 0.55 26.06
C TRP D 43 -1.29 1.83 25.26
N GLY D 44 -0.63 2.91 25.68
CA GLY D 44 -0.74 4.17 24.96
C GLY D 44 -0.26 4.06 23.53
N GLU D 45 0.86 3.39 23.32
CA GLU D 45 1.38 3.20 21.96
C GLU D 45 0.42 2.36 21.13
N ALA D 46 -0.11 1.28 21.71
CA ALA D 46 -1.08 0.46 20.99
C ALA D 46 -2.39 1.21 20.78
N LYS D 47 -2.86 1.89 21.81
CA LYS D 47 -4.11 2.66 21.68
C LYS D 47 -3.95 3.76 20.62
N ASP D 48 -2.83 4.48 20.65
CA ASP D 48 -2.58 5.49 19.62
C ASP D 48 -2.45 4.85 18.25
N SER D 49 -1.79 3.69 18.18
CA SER D 49 -1.68 2.99 16.90
C SER D 49 -3.04 2.48 16.45
N SER D 50 -3.87 2.03 17.39
CA SER D 50 -5.20 1.56 17.02
C SER D 50 -6.01 2.66 16.33
N HIS D 51 -5.78 3.92 16.70
CA HIS D 51 -6.47 5.01 16.03
C HIS D 51 -5.96 5.18 14.60
N ALA D 52 -4.66 5.01 14.39
CA ALA D 52 -4.11 5.13 13.04
C ALA D 52 -4.67 4.04 12.14
N THR D 53 -4.79 2.81 12.67
CA THR D 53 -5.33 1.71 11.88
C THR D 53 -6.80 1.95 11.52
N SER D 54 -7.49 2.84 12.23
CA SER D 54 -8.88 3.15 11.93
C SER D 54 -9.04 4.02 10.69
N CYS D 55 -7.95 4.39 10.02
CA CYS D 55 -8.05 5.22 8.84
C CYS D 55 -8.72 4.44 7.71
N ILE D 56 -9.06 5.17 6.64
CA ILE D 56 -9.74 4.57 5.50
C ILE D 56 -8.80 3.75 4.64
N TYR D 57 -7.49 3.95 4.78
CA TYR D 57 -6.52 3.26 3.96
C TYR D 57 -5.78 2.15 4.70
N SER D 58 -5.90 2.11 6.02
CA SER D 58 -5.26 1.10 6.85
C SER D 58 -6.28 0.02 7.23
N THR D 59 -5.82 -1.24 7.23
CA THR D 59 -6.67 -2.34 7.63
C THR D 59 -6.93 -2.24 9.12
N ASN D 60 -7.92 -3.00 9.59
CA ASN D 60 -8.32 -2.96 11.00
C ASN D 60 -7.39 -3.84 11.83
N ILE D 61 -6.13 -3.39 11.95
CA ILE D 61 -5.13 -4.13 12.71
C ILE D 61 -5.42 -3.95 14.19
N LYS D 62 -5.50 -5.07 14.92
CA LYS D 62 -5.86 -5.07 16.33
C LYS D 62 -4.64 -4.68 17.16
N PHE D 63 -4.59 -3.43 17.60
CA PHE D 63 -3.53 -2.94 18.47
C PHE D 63 -4.06 -2.84 19.89
N HIS D 64 -3.37 -3.49 20.83
CA HIS D 64 -3.84 -3.49 22.21
C HIS D 64 -2.70 -3.97 23.12
N LEU D 65 -2.77 -3.56 24.38
CA LEU D 65 -1.81 -4.02 25.37
C LEU D 65 -2.02 -5.50 25.65
N GLY D 66 -0.91 -6.21 25.88
CA GLY D 66 -0.97 -7.63 26.15
C GLY D 66 0.09 -8.11 27.12
N ASP D 67 0.22 -9.43 27.23
CA ASP D 67 1.21 -10.03 28.12
C ASP D 67 1.92 -11.17 27.39
N TYR D 68 2.74 -11.94 28.11
CA TYR D 68 3.43 -13.06 27.48
C TYR D 68 2.44 -14.09 26.94
N GLU D 69 1.21 -14.13 27.45
CA GLU D 69 0.23 -15.08 26.95
C GLU D 69 -0.07 -14.87 25.47
N ASP D 70 0.16 -13.66 24.95
CA ASP D 70 -0.15 -13.36 23.56
C ASP D 70 0.90 -13.91 22.61
N CYS D 71 1.98 -14.51 23.14
CA CYS D 71 3.03 -15.11 22.32
C CYS D 71 2.63 -16.50 21.86
N LYS D 72 1.55 -17.05 22.41
CA LYS D 72 1.12 -18.40 22.06
C LYS D 72 0.70 -18.45 20.59
N ASP D 73 -0.13 -17.50 20.17
CA ASP D 73 -0.66 -17.46 18.81
C ASP D 73 0.07 -16.41 17.98
N ALA D 74 1.31 -16.09 18.36
CA ALA D 74 2.10 -15.07 17.69
C ALA D 74 2.91 -15.68 16.56
N ASN D 75 2.75 -15.13 15.36
CA ASN D 75 3.53 -15.61 14.22
C ASN D 75 4.98 -15.15 14.34
N ILE D 76 5.20 -13.92 14.80
CA ILE D 76 6.53 -13.38 15.01
C ILE D 76 6.55 -12.62 16.33
N ILE D 77 7.66 -12.76 17.06
CA ILE D 77 7.85 -12.10 18.34
C ILE D 77 9.10 -11.24 18.24
N VAL D 78 8.92 -9.93 18.15
CA VAL D 78 10.02 -8.99 18.05
C VAL D 78 10.45 -8.58 19.45
N ILE D 79 11.75 -8.54 19.68
CA ILE D 79 12.33 -8.21 20.98
C ILE D 79 13.12 -6.91 20.83
N THR D 80 12.60 -5.82 21.39
CA THR D 80 13.25 -4.52 21.33
C THR D 80 13.67 -4.04 22.71
N LYS D 95 30.09 -4.30 30.02
CA LYS D 95 29.07 -4.10 31.05
C LYS D 95 27.68 -4.07 30.42
N LEU D 96 27.59 -3.45 29.25
CA LEU D 96 26.31 -3.35 28.55
C LEU D 96 25.86 -4.71 28.02
N ALA D 97 26.80 -5.60 27.74
CA ALA D 97 26.44 -6.92 27.23
C ALA D 97 25.77 -7.77 28.30
N GLY D 98 26.27 -7.72 29.53
CA GLY D 98 25.68 -8.51 30.60
C GLY D 98 24.26 -8.08 30.92
N THR D 99 24.03 -6.76 30.97
CA THR D 99 22.69 -6.25 31.27
C THR D 99 21.68 -6.67 30.21
N ASN D 100 22.05 -6.57 28.94
CA ASN D 100 21.14 -7.00 27.87
C ASN D 100 20.85 -8.49 27.98
N ALA D 101 21.87 -9.30 28.27
CA ALA D 101 21.67 -10.74 28.43
C ALA D 101 20.69 -11.04 29.56
N LYS D 102 20.70 -10.23 30.62
CA LYS D 102 19.75 -10.44 31.71
C LYS D 102 18.32 -10.22 31.24
N ILE D 103 18.12 -9.23 30.37
CA ILE D 103 16.78 -8.98 29.84
C ILE D 103 16.35 -10.13 28.94
N MET D 104 17.28 -10.69 28.16
CA MET D 104 16.93 -11.81 27.30
C MET D 104 16.50 -13.02 28.11
N SER D 105 17.09 -13.21 29.30
CA SER D 105 16.72 -14.35 30.13
C SER D 105 15.28 -14.24 30.61
N SER D 106 14.74 -13.03 30.74
CA SER D 106 13.38 -12.86 31.20
C SER D 106 12.38 -13.00 30.05
N VAL D 107 12.57 -12.25 28.98
CA VAL D 107 11.65 -12.31 27.85
C VAL D 107 11.70 -13.69 27.19
N MET D 108 12.90 -14.24 27.00
CA MET D 108 13.00 -15.56 26.38
C MET D 108 12.44 -16.64 27.30
N GLY D 109 12.66 -16.50 28.61
CA GLY D 109 12.10 -17.46 29.55
C GLY D 109 10.58 -17.50 29.52
N GLU D 110 9.95 -16.36 29.20
CA GLU D 110 8.49 -16.32 29.09
C GLU D 110 8.00 -16.78 27.73
N ILE D 111 8.72 -16.43 26.67
CA ILE D 111 8.32 -16.87 25.32
C ILE D 111 8.32 -18.40 25.25
N VAL D 112 9.36 -19.03 25.80
CA VAL D 112 9.42 -20.48 25.76
C VAL D 112 8.30 -21.08 26.60
N LYS D 113 7.91 -20.43 27.69
CA LYS D 113 6.84 -20.94 28.53
C LYS D 113 5.50 -20.93 27.80
N ARG D 114 5.34 -20.08 26.79
CA ARG D 114 4.11 -19.99 26.03
C ARG D 114 4.19 -20.63 24.64
N THR D 115 5.38 -20.75 24.06
CA THR D 115 5.54 -21.36 22.75
C THR D 115 7.01 -21.67 22.47
N ALA D 118 7.15 -20.28 17.18
CA ALA D 118 6.96 -18.92 16.69
C ALA D 118 8.30 -18.25 16.40
N MET D 119 8.41 -17.63 15.22
CA MET D 119 9.63 -16.94 14.85
C MET D 119 9.91 -15.79 15.82
N ILE D 120 11.19 -15.60 16.14
CA ILE D 120 11.62 -14.56 17.07
C ILE D 120 12.63 -13.67 16.36
N ILE D 121 12.26 -12.41 16.12
CA ILE D 121 13.14 -11.42 15.52
C ILE D 121 13.83 -10.64 16.64
N MET D 122 15.16 -10.55 16.56
CA MET D 122 15.96 -9.92 17.59
C MET D 122 16.34 -8.50 17.19
N ILE D 123 16.10 -7.53 18.08
CA ILE D 123 16.45 -6.14 17.82
C ILE D 123 17.26 -5.57 18.99
N THR D 124 16.83 -5.87 20.22
CA THR D 124 17.54 -5.40 21.42
C THR D 124 19.05 -5.51 21.25
N ASN D 125 19.77 -4.46 21.70
CA ASN D 125 21.23 -4.44 21.57
C ASN D 125 21.90 -4.74 22.92
N PRO D 126 23.17 -5.22 22.89
CA PRO D 126 23.92 -5.67 21.71
C PRO D 126 23.17 -6.77 20.98
N LEU D 127 23.10 -6.68 19.65
CA LEU D 127 22.34 -7.64 18.87
C LEU D 127 23.01 -9.01 18.87
N ASP D 128 24.25 -9.06 18.39
CA ASP D 128 24.96 -10.34 18.28
C ASP D 128 25.01 -11.08 19.61
N VAL D 129 25.12 -10.34 20.72
CA VAL D 129 25.17 -10.97 22.03
C VAL D 129 23.79 -11.44 22.46
N ALA D 130 22.79 -10.58 22.34
CA ALA D 130 21.43 -10.96 22.74
C ALA D 130 20.93 -12.14 21.91
N THR D 131 21.19 -12.13 20.61
CA THR D 131 20.76 -13.24 19.76
C THR D 131 21.45 -14.53 20.17
N TYR D 132 22.71 -14.46 20.62
CA TYR D 132 23.42 -15.65 21.05
C TYR D 132 22.86 -16.17 22.36
N VAL D 133 22.45 -15.27 23.26
CA VAL D 133 21.93 -15.70 24.56
C VAL D 133 20.62 -16.46 24.38
N VAL D 134 19.72 -15.92 23.55
CA VAL D 134 18.43 -16.56 23.34
C VAL D 134 18.55 -17.82 22.49
N SER D 135 19.69 -18.01 21.80
CA SER D 135 19.87 -19.14 20.93
C SER D 135 20.64 -20.28 21.58
N THR D 136 21.15 -20.10 22.80
CA THR D 136 21.93 -21.12 23.48
C THR D 136 21.49 -21.40 24.91
N GLN D 137 20.81 -20.46 25.57
CA GLN D 137 20.39 -20.63 26.95
C GLN D 137 18.98 -21.19 27.10
N PHE D 138 18.29 -21.46 25.99
CA PHE D 138 16.94 -21.97 26.04
C PHE D 138 16.76 -23.04 24.98
N ASP D 139 15.72 -23.86 25.15
CA ASP D 139 15.43 -24.96 24.24
C ASP D 139 14.40 -24.52 23.20
N TYR D 140 14.83 -23.61 22.33
CA TYR D 140 13.99 -23.12 21.25
C TYR D 140 14.61 -23.49 19.90
N PRO D 141 13.79 -23.79 18.90
CA PRO D 141 14.35 -24.12 17.58
C PRO D 141 15.24 -23.00 17.06
N ARG D 142 16.48 -23.37 16.70
CA ARG D 142 17.45 -22.37 16.26
C ARG D 142 16.96 -21.62 15.04
N ASN D 143 16.20 -22.27 14.16
CA ASN D 143 15.71 -21.60 12.96
C ASN D 143 14.77 -20.45 13.31
N LEU D 144 14.02 -20.55 14.41
CA LEU D 144 13.09 -19.52 14.80
C LEU D 144 13.75 -18.31 15.44
N ILE D 145 15.06 -18.35 15.67
CA ILE D 145 15.80 -17.23 16.24
C ILE D 145 16.55 -16.52 15.13
N LEU D 146 16.31 -15.22 15.00
CA LEU D 146 16.96 -14.41 13.98
C LEU D 146 17.12 -12.99 14.51
N GLY D 147 18.31 -12.42 14.28
CA GLY D 147 18.58 -11.04 14.67
C GLY D 147 18.83 -10.18 13.46
N THR D 148 18.46 -8.90 13.57
CA THR D 148 18.66 -7.98 12.46
C THR D 148 20.12 -7.98 12.00
N GLY D 149 21.04 -8.01 12.95
CA GLY D 149 22.46 -8.10 12.61
C GLY D 149 22.92 -6.88 11.82
N THR D 150 23.78 -7.13 10.83
CA THR D 150 24.35 -6.07 10.02
C THR D 150 23.40 -5.58 8.92
N MET D 151 22.13 -5.99 8.96
CA MET D 151 21.18 -5.48 7.97
C MET D 151 21.08 -3.97 8.02
N LEU D 152 21.30 -3.37 9.19
CA LEU D 152 21.28 -1.92 9.29
C LEU D 152 22.52 -1.32 8.64
N GLU D 153 23.70 -1.90 8.92
CA GLU D 153 24.91 -1.42 8.29
C GLU D 153 24.83 -1.56 6.77
N THR D 154 24.17 -2.61 6.28
CA THR D 154 23.96 -2.74 4.84
C THR D 154 23.13 -1.57 4.30
N TYR D 155 22.00 -1.27 4.96
CA TYR D 155 21.20 -0.11 4.58
C TYR D 155 22.05 1.15 4.53
N ARG D 156 22.89 1.35 5.56
CA ARG D 156 23.77 2.51 5.59
C ARG D 156 24.79 2.47 4.46
N PHE D 157 25.38 1.30 4.22
CA PHE D 157 26.35 1.16 3.14
C PHE D 157 25.71 1.48 1.79
N ARG D 158 24.49 0.98 1.55
CA ARG D 158 23.80 1.28 0.30
C ARG D 158 23.45 2.76 0.20
N ARG D 159 23.28 3.44 1.34
CA ARG D 159 22.94 4.86 1.32
C ARG D 159 24.19 5.72 1.10
N ILE D 160 25.33 5.30 1.67
CA ILE D 160 26.56 6.08 1.52
C ILE D 160 26.93 6.19 0.05
N LEU D 161 27.05 5.05 -0.64
CA LEU D 161 27.40 5.07 -2.06
C LEU D 161 26.29 5.71 -2.88
N ALA D 162 25.04 5.65 -2.41
CA ALA D 162 23.94 6.27 -3.14
C ALA D 162 24.10 7.78 -3.18
N ASP D 163 24.37 8.39 -2.03
CA ASP D 163 24.56 9.84 -1.95
C ASP D 163 25.90 10.29 -2.50
N LYS D 164 26.82 9.36 -2.77
CA LYS D 164 28.14 9.72 -3.28
C LYS D 164 28.13 9.91 -4.79
N TYR D 165 27.39 9.06 -5.51
CA TYR D 165 27.32 9.10 -6.96
C TYR D 165 25.91 9.30 -7.48
N GLN D 166 24.94 9.62 -6.62
CA GLN D 166 23.56 9.83 -7.01
C GLN D 166 23.01 8.61 -7.75
N VAL D 167 22.94 7.50 -7.02
CA VAL D 167 22.46 6.23 -7.55
C VAL D 167 21.50 5.61 -6.54
N ASP D 168 20.51 4.89 -7.06
CA ASP D 168 19.52 4.24 -6.20
C ASP D 168 20.24 3.34 -5.19
N PRO D 169 20.00 3.48 -3.88
CA PRO D 169 20.66 2.59 -2.91
C PRO D 169 20.43 1.12 -3.24
N LYS D 170 19.27 0.76 -3.79
CA LYS D 170 18.98 -0.64 -4.11
C LYS D 170 19.99 -1.21 -5.10
N ASN D 171 20.63 -0.34 -5.90
CA ASN D 171 21.66 -0.82 -6.83
C ASN D 171 22.85 -1.39 -6.06
N ILE D 172 23.28 -0.71 -4.99
CA ILE D 172 24.39 -1.17 -4.17
C ILE D 172 24.07 -2.56 -3.65
N ASN D 173 24.92 -3.53 -3.95
CA ASN D 173 24.72 -4.91 -3.54
C ASN D 173 25.78 -5.30 -2.52
N GLY D 174 25.58 -6.44 -1.88
CA GLY D 174 26.51 -6.97 -0.91
C GLY D 174 25.97 -6.84 0.51
N TYR D 175 26.77 -7.32 1.46
CA TYR D 175 26.42 -7.31 2.87
C TYR D 175 27.51 -6.63 3.67
N VAL D 176 27.19 -6.32 4.92
CA VAL D 176 28.15 -5.70 5.84
C VAL D 176 28.26 -6.59 7.07
N GLY D 178 29.36 -9.16 10.10
CA GLY D 178 30.16 -8.96 11.29
C GLY D 178 29.31 -8.54 12.46
N GLU D 179 29.94 -7.88 13.44
CA GLU D 179 29.22 -7.41 14.62
C GLU D 179 28.43 -6.16 14.30
N HIS D 180 27.20 -6.09 14.82
CA HIS D 180 26.35 -4.94 14.59
C HIS D 180 26.48 -3.92 15.73
N ALA D 184 31.32 -5.74 11.74
CA ALA D 184 31.18 -4.35 11.33
C ALA D 184 32.16 -4.04 10.19
N PHE D 185 32.13 -4.86 9.16
CA PHE D 185 33.01 -4.69 8.01
C PHE D 185 32.24 -5.00 6.73
N VAL D 186 32.52 -4.23 5.69
CA VAL D 186 31.88 -4.41 4.39
C VAL D 186 32.75 -5.34 3.54
N ALA D 187 32.13 -6.39 3.00
CA ALA D 187 32.83 -7.36 2.16
C ALA D 187 32.84 -6.82 0.72
N TRP D 188 33.82 -5.96 0.45
CA TRP D 188 33.91 -5.32 -0.86
C TRP D 188 33.92 -6.33 -2.00
N SER D 189 34.39 -7.56 -1.72
CA SER D 189 34.40 -8.59 -2.76
C SER D 189 32.99 -8.98 -3.18
N THR D 190 32.02 -8.89 -2.26
CA THR D 190 30.65 -9.29 -2.54
C THR D 190 29.77 -8.10 -2.91
N THR D 191 30.29 -6.88 -2.85
CA THR D 191 29.53 -5.68 -3.19
C THR D 191 29.65 -5.39 -4.68
N GLY D 192 28.62 -4.72 -5.20
CA GLY D 192 28.57 -4.36 -6.60
C GLY D 192 27.33 -3.55 -6.93
N CYS D 193 27.50 -2.44 -7.62
CA CYS D 193 26.40 -1.56 -7.97
C CYS D 193 26.03 -1.78 -9.44
N ALA D 194 24.75 -2.05 -9.69
CA ALA D 194 24.23 -2.24 -11.03
C ALA D 194 24.92 -3.39 -11.78
N GLY D 195 25.60 -4.29 -11.06
CA GLY D 195 26.22 -5.44 -11.68
C GLY D 195 27.72 -5.35 -11.88
N PHE D 196 28.33 -4.20 -11.65
CA PHE D 196 29.76 -4.02 -11.81
C PHE D 196 30.36 -3.46 -10.51
N PRO D 197 31.68 -3.60 -10.32
CA PRO D 197 32.28 -3.14 -9.06
C PRO D 197 31.96 -1.68 -8.78
N ILE D 198 32.12 -1.30 -7.51
CA ILE D 198 31.84 0.07 -7.12
C ILE D 198 32.82 1.04 -7.77
N ASP D 199 34.09 0.70 -7.77
CA ASP D 199 35.12 1.55 -8.37
C ASP D 199 35.05 1.51 -9.89
N GLU D 209 39.16 13.17 -8.46
CA GLU D 209 39.44 12.44 -7.23
C GLU D 209 39.24 10.94 -7.41
N LYS D 210 39.25 10.20 -6.31
CA LYS D 210 39.06 8.76 -6.36
C LYS D 210 38.50 8.29 -5.02
N LEU D 211 37.62 7.28 -5.08
CA LEU D 211 37.02 6.74 -3.87
C LEU D 211 38.04 5.95 -3.07
N SER D 212 37.82 5.89 -1.76
CA SER D 212 38.69 5.16 -0.84
C SER D 212 37.87 4.12 -0.10
N HIS D 213 38.30 2.86 -0.20
CA HIS D 213 37.57 1.79 0.49
C HIS D 213 37.54 2.03 2.00
N GLU D 214 38.62 2.58 2.56
CA GLU D 214 38.65 2.87 3.99
C GLU D 214 37.80 4.08 4.32
N ALA D 215 37.66 5.02 3.38
CA ALA D 215 36.83 6.20 3.64
C ALA D 215 35.37 5.81 3.80
N VAL D 216 34.88 4.90 2.95
CA VAL D 216 33.49 4.45 3.07
C VAL D 216 33.27 3.79 4.42
N GLU D 217 34.24 2.98 4.87
CA GLU D 217 34.13 2.36 6.19
C GLU D 217 34.16 3.42 7.29
N GLN D 218 34.99 4.44 7.13
CA GLN D 218 35.03 5.52 8.10
C GLN D 218 33.72 6.31 8.11
N GLU D 219 33.14 6.55 6.93
CA GLU D 219 31.86 7.24 6.87
C GLU D 219 30.75 6.42 7.50
N LEU D 220 30.88 5.10 7.54
CA LEU D 220 29.86 4.25 8.13
C LEU D 220 29.88 4.33 9.66
N VAL D 221 31.08 4.20 10.26
CA VAL D 221 31.18 4.26 11.71
C VAL D 221 30.84 5.65 12.23
N GLN D 222 31.14 6.70 11.46
CA GLN D 222 30.82 8.06 11.89
C GLN D 222 29.32 8.30 11.88
N VAL D 223 28.65 7.90 10.79
CA VAL D 223 27.20 8.05 10.72
C VAL D 223 26.52 7.25 11.81
N ALA D 224 27.06 6.06 12.11
CA ALA D 224 26.52 5.25 13.19
C ALA D 224 26.62 5.97 14.53
N TYR D 225 27.62 6.83 14.69
CA TYR D 225 27.79 7.60 15.91
C TYR D 225 27.14 8.97 15.84
N ASP D 226 26.96 9.53 14.64
CA ASP D 226 26.34 10.84 14.51
C ASP D 226 24.83 10.76 14.72
N VAL D 227 24.18 9.74 14.17
CA VAL D 227 22.73 9.61 14.33
C VAL D 227 22.38 9.41 15.79
N ILE D 228 23.05 8.46 16.45
CA ILE D 228 22.77 8.21 17.86
C ILE D 228 23.09 9.44 18.70
N ASN D 229 24.10 10.23 18.30
CA ASN D 229 24.49 11.39 19.08
C ASN D 229 23.60 12.59 18.79
N LYS D 230 23.20 12.78 17.53
CA LYS D 230 22.38 13.94 17.17
C LYS D 230 20.90 13.63 17.25
N LYS D 231 20.48 12.41 16.91
CA LYS D 231 19.07 12.04 16.97
C LYS D 231 18.68 11.43 18.30
N GLY D 232 19.63 10.93 19.08
CA GLY D 232 19.35 10.32 20.36
C GLY D 232 19.04 8.84 20.31
N PHE D 233 18.73 8.31 19.13
CA PHE D 233 18.43 6.89 18.97
C PHE D 233 18.28 6.61 17.48
N THR D 234 18.18 5.32 17.14
CA THR D 234 18.00 4.86 15.76
C THR D 234 16.81 3.91 15.76
N ASN D 235 15.64 4.43 15.39
CA ASN D 235 14.41 3.65 15.40
C ASN D 235 13.84 3.39 14.00
N THR D 236 14.11 4.27 13.03
CA THR D 236 13.55 4.08 11.69
C THR D 236 14.31 3.01 10.91
N GLY D 237 15.64 3.10 10.88
CA GLY D 237 16.42 2.11 10.16
C GLY D 237 16.23 0.72 10.72
N ILE D 238 16.32 0.56 12.04
CA ILE D 238 16.13 -0.74 12.66
C ILE D 238 14.73 -1.27 12.39
N ALA D 239 13.74 -0.37 12.34
CA ALA D 239 12.38 -0.82 12.10
C ALA D 239 12.21 -1.31 10.66
N MET D 240 12.79 -0.59 9.71
CA MET D 240 12.70 -1.01 8.31
C MET D 240 13.45 -2.32 8.09
N ALA D 241 14.65 -2.46 8.67
CA ALA D 241 15.39 -3.70 8.55
C ALA D 241 14.61 -4.86 9.13
N ALA D 242 13.92 -4.64 10.26
CA ALA D 242 13.10 -5.68 10.84
C ALA D 242 11.94 -6.04 9.92
N CYS D 243 11.29 -5.04 9.33
CA CYS D 243 10.18 -5.31 8.42
C CYS D 243 10.64 -6.13 7.22
N ARG D 244 11.88 -5.93 6.76
CA ARG D 244 12.39 -6.73 5.66
C ARG D 244 12.41 -8.21 6.03
N PHE D 245 12.95 -8.53 7.21
CA PHE D 245 12.95 -9.92 7.66
C PHE D 245 11.54 -10.44 7.89
N ILE D 246 10.66 -9.59 8.42
CA ILE D 246 9.27 -9.98 8.59
C ILE D 246 8.65 -10.32 7.24
N LYS D 247 8.81 -9.43 6.26
CA LYS D 247 8.29 -9.71 4.93
C LYS D 247 8.89 -10.97 4.33
N SER D 248 10.15 -11.28 4.67
CA SER D 248 10.76 -12.50 4.16
C SER D 248 10.15 -13.74 4.80
N VAL D 249 9.98 -13.72 6.12
CA VAL D 249 9.41 -14.86 6.81
C VAL D 249 7.93 -15.00 6.49
N LEU D 250 7.23 -13.87 6.33
CA LEU D 250 5.79 -13.93 6.07
C LEU D 250 5.50 -14.44 4.66
N TYR D 251 6.30 -14.03 3.68
CA TYR D 251 6.10 -14.42 2.29
C TYR D 251 6.98 -15.59 1.86
N ASP D 252 7.75 -16.17 2.78
CA ASP D 252 8.59 -17.33 2.48
C ASP D 252 9.42 -17.08 1.22
N GLU D 253 10.14 -15.97 1.21
CA GLU D 253 10.88 -15.56 0.03
C GLU D 253 12.22 -16.29 -0.12
N HIS D 254 12.71 -16.92 0.95
CA HIS D 254 14.00 -17.60 0.91
C HIS D 254 15.11 -16.63 0.49
N THR D 255 15.11 -15.45 1.12
CA THR D 255 16.05 -14.40 0.79
C THR D 255 17.33 -14.58 1.57
N ILE D 256 18.46 -14.31 0.92
CA ILE D 256 19.78 -14.36 1.55
C ILE D 256 20.13 -12.94 2.00
N LEU D 257 19.94 -12.67 3.28
CA LEU D 257 20.19 -11.35 3.85
C LEU D 257 21.14 -11.48 5.02
N PRO D 258 21.89 -10.42 5.34
CA PRO D 258 22.82 -10.48 6.47
C PRO D 258 22.06 -10.46 7.79
N CYS D 259 21.85 -11.63 8.38
CA CYS D 259 21.14 -11.77 9.64
C CYS D 259 22.04 -12.44 10.67
N SER D 260 21.69 -12.29 11.95
CA SER D 260 22.46 -12.87 13.04
C SER D 260 22.02 -14.31 13.27
N ALA D 261 22.98 -15.21 13.40
CA ALA D 261 22.70 -16.62 13.63
C ALA D 261 23.96 -17.28 14.14
N VAL D 262 23.81 -18.13 15.18
CA VAL D 262 24.95 -18.82 15.77
C VAL D 262 25.69 -19.58 14.67
N LEU D 263 26.97 -19.25 14.49
CA LEU D 263 27.77 -19.88 13.45
C LEU D 263 28.15 -21.31 13.85
N GLU D 264 28.36 -22.15 12.83
CA GLU D 264 28.76 -23.54 13.04
C GLU D 264 29.87 -23.88 12.05
N GLY D 265 30.98 -23.15 12.14
CA GLY D 265 32.11 -23.34 11.26
C GLY D 265 32.08 -22.53 9.98
N GLU D 266 31.13 -21.62 9.83
CA GLU D 266 31.03 -20.82 8.62
C GLU D 266 32.22 -19.87 8.52
N TYR D 267 32.96 -19.95 7.41
CA TYR D 267 34.13 -19.12 7.19
C TYR D 267 35.17 -19.35 8.28
N GLY D 268 35.28 -20.58 8.75
CA GLY D 268 36.24 -20.91 9.79
C GLY D 268 35.93 -20.29 11.13
N ILE D 269 34.66 -19.94 11.38
CA ILE D 269 34.24 -19.33 12.63
C ILE D 269 33.12 -20.18 13.21
N LYS D 270 33.20 -20.44 14.52
CA LYS D 270 32.20 -21.25 15.20
C LYS D 270 32.11 -20.79 16.65
N ASP D 271 30.89 -20.60 17.14
CA ASP D 271 30.67 -20.15 18.51
C ASP D 271 31.34 -18.80 18.77
N MET D 279 19.57 -17.89 4.88
CA MET D 279 18.35 -17.87 4.09
C MET D 279 17.13 -17.71 4.99
N VAL D 280 16.44 -16.58 4.85
CA VAL D 280 15.26 -16.28 5.65
C VAL D 280 14.06 -16.88 4.95
N CYS D 281 13.35 -17.77 5.63
CA CYS D 281 12.17 -18.43 5.09
C CYS D 281 11.08 -18.46 6.15
N ALA D 282 9.90 -18.95 5.76
CA ALA D 282 8.79 -19.02 6.69
C ALA D 282 9.08 -19.94 7.87
N ASP D 283 9.87 -20.99 7.64
CA ASP D 283 10.26 -21.93 8.69
C ASP D 283 11.54 -21.49 9.41
N GLY D 284 11.88 -20.21 9.36
CA GLY D 284 13.07 -19.71 10.02
C GLY D 284 14.27 -19.63 9.10
N ILE D 285 15.44 -20.01 9.62
CA ILE D 285 16.68 -20.00 8.84
C ILE D 285 16.90 -21.39 8.24
N MET D 286 17.37 -21.42 7.00
CA MET D 286 17.62 -22.68 6.30
C MET D 286 19.11 -22.96 6.20
N ARG D 287 19.83 -22.25 5.34
CA ARG D 287 21.27 -22.47 5.17
C ARG D 287 21.93 -21.13 4.88
N SER D 288 23.26 -21.15 4.86
CA SER D 288 24.06 -19.96 4.60
C SER D 288 24.47 -19.88 3.14
N ASP D 296 42.44 -10.82 3.39
CA ASP D 296 42.13 -9.61 4.14
C ASP D 296 40.67 -9.63 4.63
N GLU D 297 39.76 -10.06 3.75
CA GLU D 297 38.35 -10.12 4.12
C GLU D 297 38.11 -11.14 5.22
N LEU D 298 38.67 -12.35 5.07
CA LEU D 298 38.50 -13.37 6.09
C LEU D 298 39.10 -12.92 7.42
N GLU D 299 40.14 -12.10 7.38
CA GLU D 299 40.73 -11.59 8.61
C GLU D 299 39.75 -10.72 9.39
N LYS D 300 39.05 -9.82 8.69
CA LYS D 300 38.06 -8.97 9.34
C LYS D 300 36.92 -9.79 9.94
N MET D 301 36.54 -10.87 9.26
CA MET D 301 35.50 -11.74 9.79
C MET D 301 35.94 -12.39 11.10
N HIS D 302 37.16 -12.94 11.13
CA HIS D 302 37.68 -13.54 12.35
C HIS D 302 37.94 -12.48 13.42
N LYS D 303 38.33 -11.27 13.02
CA LYS D 303 38.53 -10.20 13.99
C LYS D 303 37.23 -9.89 14.71
N ALA D 304 36.11 -9.85 13.99
CA ALA D 304 34.81 -9.64 14.61
C ALA D 304 34.42 -10.83 15.47
N ALA D 305 34.78 -12.04 15.04
CA ALA D 305 34.50 -13.23 15.84
C ALA D 305 35.25 -13.18 17.17
N GLN D 306 36.46 -12.62 17.17
CA GLN D 306 37.21 -12.46 18.42
C GLN D 306 36.64 -11.34 19.28
N SER D 307 35.96 -10.35 18.67
CA SER D 307 35.37 -9.27 19.45
C SER D 307 34.13 -9.76 20.19
N VAL D 308 33.25 -10.47 19.49
CA VAL D 308 32.05 -11.01 20.14
C VAL D 308 32.43 -12.06 21.18
N ARG D 309 33.45 -12.87 20.88
CA ARG D 309 33.88 -13.89 21.84
C ARG D 309 34.29 -13.26 23.16
N SER D 310 35.01 -12.14 23.12
CA SER D 310 35.37 -11.44 24.35
C SER D 310 34.13 -10.92 25.07
N ALA D 311 33.10 -10.51 24.31
CA ALA D 311 31.87 -10.05 24.92
C ALA D 311 31.06 -11.22 25.50
N LEU D 312 31.10 -12.37 24.83
CA LEU D 312 30.39 -13.54 25.34
C LEU D 312 30.97 -14.00 26.67
N ASP D 313 32.30 -13.95 26.81
CA ASP D 313 32.93 -14.35 28.06
C ASP D 313 32.59 -13.38 29.19
N GLY D 314 32.56 -12.09 28.89
CA GLY D 314 32.24 -11.08 29.87
C GLY D 314 30.79 -11.15 30.31
#